data_7DNA
#
_entry.id   7DNA
#
_cell.length_a   38.930
_cell.length_b   72.490
_cell.length_c   126.550
_cell.angle_alpha   92.460
_cell.angle_beta   97.310
_cell.angle_gamma   92.500
#
_symmetry.space_group_name_H-M   'P 1'
#
loop_
_entity.id
_entity.type
_entity.pdbx_description
1 polymer 'Green-to-red photoconvertible GFP-like protein'
2 polymer 'Green-to-red photoconvertible GFP-like protein'
3 polymer 'Green-to-red photoconvertible GFP-like protein'
4 non-polymer 'AMINO GROUP'
5 water water
#
loop_
_entity_poly.entity_id
_entity_poly.type
_entity_poly.pdbx_seq_one_letter_code
_entity_poly.pdbx_strand_id
1 'polypeptide(L)'
;VIPDYFKQSFPEGYSWERSMTYEDGGICIATNDITMEGDSFINKIHFKGTNFPPNGPVMQKRTVGWEASTEKMYERDGVL
KGDVKMKLLLKGGGHYRCDYRTTYKVKQKPVKLPDYHFVDHRIEILSHDKDYNKVKLYEHAVARNSTDSMDELYKGGSGG
MVSKGEETITSVIKPDMKNKLRMEGNVNGHAFVIEGEGSGKPFEGIQTIDLEVKEGAPLPFAYDILTTAF(CR8)NRVFT
KYPR
;
A,B,D,K
2 'polypeptide(L)'
;VIPDYFKQSFPEGYSWERSMTYEDGGICIATNDITMEGDSFINKIHFKGTNFPPNGPVMQKRTVGWEASTEKMYERDGVL
KGDVKMKLLLKGGGHYRCDYRTTYKVKQKPVKLPDYHFVDHRIEILSHDKDYNKVKLYEHAVARNSTDSMDELYKGGSGG
MVSKGEETITSVIKPDMKNKLRMEGNVNGHAFVIEGEGSGKPFEGIQTIDLEVKEGAPLPFAYDILTTAFF
;
F,I
3 'polypeptide(L)' (IEY)NRVFTKYPR J,L
#
# COMPACT_ATOMS: atom_id res chain seq x y z
N ILE A 2 -14.73 -3.58 31.49
CA ILE A 2 -14.04 -3.53 30.19
C ILE A 2 -13.79 -2.08 29.79
N PRO A 3 -12.52 -1.69 29.71
CA PRO A 3 -12.20 -0.32 29.30
C PRO A 3 -12.34 -0.13 27.80
N ASP A 4 -12.99 0.96 27.41
CA ASP A 4 -13.20 1.33 26.01
C ASP A 4 -12.10 2.30 25.62
N TYR A 5 -10.97 1.75 25.16
CA TYR A 5 -9.84 2.60 24.80
C TYR A 5 -10.06 3.37 23.50
N PHE A 6 -11.08 3.01 22.73
CA PHE A 6 -11.32 3.68 21.46
C PHE A 6 -12.12 4.97 21.65
N LYS A 7 -13.19 4.91 22.45
CA LYS A 7 -13.97 6.11 22.71
C LYS A 7 -13.20 7.12 23.55
N GLN A 8 -12.27 6.66 24.39
CA GLN A 8 -11.48 7.56 25.22
C GLN A 8 -10.30 8.18 24.46
N SER A 9 -10.13 7.84 23.18
CA SER A 9 -9.11 8.45 22.33
C SER A 9 -9.59 9.72 21.66
N PHE A 10 -10.79 10.19 21.97
CA PHE A 10 -11.31 11.36 21.29
C PHE A 10 -11.52 12.50 22.27
N PRO A 11 -11.39 13.77 21.81
CA PRO A 11 -11.28 14.23 20.42
C PRO A 11 -9.92 14.05 19.73
N GLU A 12 -8.91 13.53 20.45
CA GLU A 12 -7.58 13.37 19.86
C GLU A 12 -7.63 12.56 18.58
N GLY A 13 -8.33 11.43 18.61
CA GLY A 13 -8.30 10.46 17.53
C GLY A 13 -7.32 9.34 17.84
N TYR A 14 -7.25 8.40 16.91
CA TYR A 14 -6.34 7.27 17.05
C TYR A 14 -6.07 6.71 15.66
N SER A 15 -5.26 5.66 15.62
CA SER A 15 -4.91 5.03 14.37
C SER A 15 -4.68 3.55 14.62
N TRP A 16 -4.76 2.77 13.54
CA TRP A 16 -4.42 1.37 13.63
C TRP A 16 -3.66 0.94 12.39
N GLU A 17 -2.91 -0.14 12.54
CA GLU A 17 -2.24 -0.79 11.43
C GLU A 17 -2.50 -2.28 11.54
N ARG A 18 -2.64 -2.93 10.38
CA ARG A 18 -3.23 -4.26 10.34
C ARG A 18 -2.59 -5.06 9.22
N SER A 19 -2.19 -6.28 9.53
CA SER A 19 -1.75 -7.25 8.53
C SER A 19 -2.85 -8.30 8.34
N MET A 20 -3.04 -8.72 7.09
CA MET A 20 -4.09 -9.68 6.74
C MET A 20 -3.48 -10.75 5.85
N THR A 21 -3.26 -11.93 6.42
CA THR A 21 -2.51 -13.01 5.78
C THR A 21 -3.47 -14.11 5.34
N TYR A 22 -3.61 -14.28 4.03
CA TYR A 22 -4.53 -15.26 3.48
C TYR A 22 -3.81 -16.58 3.26
N GLU A 23 -4.59 -17.67 3.32
CA GLU A 23 -4.02 -19.01 3.35
C GLU A 23 -3.31 -19.38 2.06
N ASP A 24 -3.56 -18.68 0.96
CA ASP A 24 -2.94 -19.00 -0.32
C ASP A 24 -1.84 -18.01 -0.70
N GLY A 25 -1.27 -17.30 0.28
CA GLY A 25 -0.16 -16.41 0.01
C GLY A 25 -0.54 -14.98 -0.24
N GLY A 26 -1.82 -14.69 -0.49
CA GLY A 26 -2.27 -13.32 -0.59
C GLY A 26 -2.06 -12.61 0.72
N ILE A 27 -1.55 -11.38 0.65
CA ILE A 27 -1.20 -10.61 1.84
C ILE A 27 -1.69 -9.18 1.64
N CYS A 28 -2.29 -8.61 2.67
CA CYS A 28 -2.83 -7.27 2.62
C CYS A 28 -2.38 -6.50 3.85
N ILE A 29 -1.98 -5.24 3.64
CA ILE A 29 -1.56 -4.32 4.68
C ILE A 29 -2.44 -3.09 4.64
N ALA A 30 -2.89 -2.62 5.80
CA ALA A 30 -3.72 -1.43 5.86
C ALA A 30 -3.37 -0.60 7.09
N THR A 31 -3.49 0.72 6.94
CA THR A 31 -3.48 1.65 8.06
C THR A 31 -4.70 2.57 7.94
N ASN A 32 -5.16 3.05 9.10
CA ASN A 32 -6.24 4.02 9.18
C ASN A 32 -5.87 5.05 10.23
N ASP A 33 -5.95 6.32 9.86
CA ASP A 33 -5.76 7.42 10.80
C ASP A 33 -7.10 8.09 10.98
N ILE A 34 -7.64 8.00 12.20
CA ILE A 34 -9.02 8.37 12.48
C ILE A 34 -9.02 9.62 13.36
N THR A 35 -9.70 10.65 12.90
CA THR A 35 -9.85 11.91 13.63
C THR A 35 -11.33 12.20 13.83
N MET A 36 -11.61 13.41 14.32
CA MET A 36 -12.97 13.82 14.63
C MET A 36 -13.13 15.29 14.30
N GLU A 37 -14.14 15.61 13.50
CA GLU A 37 -14.53 16.99 13.18
C GLU A 37 -16.00 17.15 13.55
N GLY A 38 -16.25 17.68 14.75
CA GLY A 38 -17.59 17.95 15.21
C GLY A 38 -18.47 16.72 15.33
N ASP A 39 -19.32 16.52 14.34
CA ASP A 39 -20.28 15.42 14.32
C ASP A 39 -19.75 14.17 13.64
N SER A 40 -18.52 14.19 13.11
CA SER A 40 -18.07 13.17 12.18
C SER A 40 -16.75 12.56 12.60
N PHE A 41 -16.60 11.26 12.35
CA PHE A 41 -15.29 10.63 12.34
C PHE A 41 -14.77 10.64 10.90
N ILE A 42 -13.50 10.97 10.75
CA ILE A 42 -12.86 11.02 9.43
C ILE A 42 -11.77 9.98 9.41
N ASN A 43 -11.76 9.16 8.35
CA ASN A 43 -10.85 8.04 8.23
C ASN A 43 -10.01 8.25 6.98
N LYS A 44 -8.68 8.22 7.15
CA LYS A 44 -7.74 8.21 6.04
C LYS A 44 -7.10 6.82 6.03
N ILE A 45 -7.45 6.03 5.02
CA ILE A 45 -7.08 4.62 4.96
C ILE A 45 -6.14 4.42 3.78
N HIS A 46 -5.10 3.63 4.00
CA HIS A 46 -4.22 3.18 2.93
C HIS A 46 -4.19 1.67 2.95
N PHE A 47 -4.24 1.07 1.76
CA PHE A 47 -4.47 -0.37 1.63
C PHE A 47 -3.60 -0.92 0.51
N LYS A 48 -2.75 -1.88 0.84
CA LYS A 48 -1.92 -2.54 -0.16
C LYS A 48 -2.09 -4.05 -0.04
N GLY A 49 -2.19 -4.72 -1.16
CA GLY A 49 -2.28 -6.16 -1.19
C GLY A 49 -1.58 -6.72 -2.43
N THR A 50 -0.96 -7.88 -2.27
CA THR A 50 -0.19 -8.47 -3.34
C THR A 50 -0.14 -9.99 -3.20
N ASN A 51 0.36 -10.64 -4.25
CA ASN A 51 0.57 -12.10 -4.31
C ASN A 51 -0.74 -12.87 -4.18
N PHE A 52 -1.83 -12.29 -4.66
CA PHE A 52 -3.06 -13.06 -4.81
C PHE A 52 -2.99 -13.85 -6.11
N PRO A 53 -3.21 -15.16 -6.07
CA PRO A 53 -3.09 -15.98 -7.28
C PRO A 53 -4.10 -15.54 -8.33
N PRO A 54 -3.68 -15.49 -9.61
CA PRO A 54 -4.60 -15.02 -10.66
C PRO A 54 -5.88 -15.81 -10.73
N ASN A 55 -5.84 -17.10 -10.37
CA ASN A 55 -7.00 -17.97 -10.46
C ASN A 55 -7.61 -18.28 -9.10
N GLY A 56 -7.20 -17.56 -8.05
CA GLY A 56 -7.74 -17.77 -6.74
C GLY A 56 -9.05 -17.03 -6.55
N PRO A 57 -9.64 -17.21 -5.36
CA PRO A 57 -10.99 -16.65 -5.15
C PRO A 57 -11.04 -15.13 -5.15
N VAL A 58 -9.93 -14.44 -4.89
CA VAL A 58 -10.00 -12.98 -4.80
C VAL A 58 -9.96 -12.34 -6.18
N MET A 59 -9.02 -12.77 -7.04
CA MET A 59 -8.99 -12.26 -8.40
C MET A 59 -10.15 -12.72 -9.26
N GLN A 60 -10.80 -13.84 -8.91
CA GLN A 60 -11.93 -14.32 -9.68
C GLN A 60 -13.27 -13.97 -9.03
N LYS A 61 -13.24 -13.20 -7.94
CA LYS A 61 -14.46 -12.75 -7.25
C LYS A 61 -15.39 -13.93 -6.95
N ARG A 62 -14.85 -14.93 -6.25
CA ARG A 62 -15.63 -16.09 -5.82
C ARG A 62 -15.96 -16.04 -4.33
N THR A 63 -15.92 -14.86 -3.72
CA THR A 63 -16.17 -14.68 -2.30
C THR A 63 -17.56 -14.13 -2.05
N VAL A 64 -18.15 -14.52 -0.92
CA VAL A 64 -19.49 -14.08 -0.54
C VAL A 64 -19.55 -13.77 0.95
N GLY A 65 -18.67 -12.89 1.42
CA GLY A 65 -18.84 -12.26 2.71
C GLY A 65 -17.99 -12.90 3.81
N TRP A 66 -17.74 -12.11 4.85
CA TRP A 66 -17.00 -12.55 6.02
C TRP A 66 -17.94 -13.19 7.02
N GLU A 67 -17.55 -14.33 7.56
CA GLU A 67 -18.31 -14.98 8.61
C GLU A 67 -18.12 -14.25 9.92
N ALA A 68 -19.08 -14.44 10.82
CA ALA A 68 -18.99 -13.87 12.17
C ALA A 68 -17.66 -14.26 12.80
N SER A 69 -17.03 -13.30 13.47
CA SER A 69 -15.69 -13.50 14.00
C SER A 69 -15.60 -13.04 15.44
N THR A 70 -14.60 -13.58 16.14
CA THR A 70 -14.28 -13.20 17.50
C THR A 70 -12.85 -12.65 17.52
N GLU A 71 -12.70 -11.36 17.77
CA GLU A 71 -11.39 -10.75 17.85
C GLU A 71 -11.01 -10.56 19.31
N LYS A 72 -9.81 -11.01 19.65
CA LYS A 72 -9.28 -10.97 21.01
C LYS A 72 -8.45 -9.69 21.20
N MET A 73 -8.89 -8.84 22.13
CA MET A 73 -8.22 -7.60 22.45
C MET A 73 -7.32 -7.82 23.66
N TYR A 74 -6.03 -7.52 23.52
CA TYR A 74 -5.08 -7.82 24.58
C TYR A 74 -3.92 -6.82 24.54
N GLU A 75 -3.23 -6.72 25.65
CA GLU A 75 -2.10 -5.80 25.82
C GLU A 75 -0.80 -6.59 25.78
N ARG A 76 0.13 -6.14 24.94
CA ARG A 76 1.48 -6.71 24.90
C ARG A 76 2.47 -5.56 25.02
N ASP A 77 3.18 -5.52 26.15
CA ASP A 77 4.10 -4.43 26.50
C ASP A 77 3.44 -3.07 26.29
N GLY A 78 2.26 -2.90 26.90
CA GLY A 78 1.56 -1.64 26.87
C GLY A 78 0.96 -1.23 25.54
N VAL A 79 1.02 -2.09 24.53
CA VAL A 79 0.45 -1.83 23.21
C VAL A 79 -0.83 -2.64 23.08
N LEU A 80 -1.93 -1.96 22.72
CA LEU A 80 -3.21 -2.63 22.53
C LEU A 80 -3.24 -3.29 21.17
N LYS A 81 -3.55 -4.60 21.16
CA LYS A 81 -3.52 -5.38 19.94
C LYS A 81 -4.80 -6.18 19.82
N GLY A 82 -5.10 -6.57 18.58
CA GLY A 82 -6.27 -7.38 18.29
C GLY A 82 -5.97 -8.49 17.30
N ASP A 83 -6.21 -9.73 17.70
CA ASP A 83 -6.03 -10.89 16.83
C ASP A 83 -7.38 -11.52 16.54
N VAL A 84 -7.60 -11.86 15.28
CA VAL A 84 -8.81 -12.59 14.90
C VAL A 84 -8.49 -13.45 13.68
N LYS A 85 -8.90 -14.71 13.72
CA LYS A 85 -8.89 -15.57 12.55
C LYS A 85 -10.20 -15.39 11.80
N MET A 86 -10.10 -15.08 10.51
CA MET A 86 -11.24 -14.70 9.70
C MET A 86 -11.47 -15.72 8.60
N LYS A 87 -12.74 -15.88 8.21
CA LYS A 87 -13.13 -16.82 7.18
C LYS A 87 -13.96 -16.11 6.13
N LEU A 88 -13.53 -16.21 4.87
CA LEU A 88 -14.27 -15.72 3.72
C LEU A 88 -15.04 -16.89 3.13
N LEU A 89 -16.37 -16.83 3.19
CA LEU A 89 -17.18 -17.84 2.54
C LEU A 89 -16.98 -17.74 1.03
N LEU A 90 -16.87 -18.89 0.37
CA LEU A 90 -16.63 -18.94 -1.05
C LEU A 90 -17.87 -19.45 -1.79
N LYS A 91 -18.01 -19.01 -3.04
CA LYS A 91 -18.94 -19.67 -3.94
C LYS A 91 -18.58 -21.15 -4.03
N GLY A 92 -19.61 -22.00 -3.97
CA GLY A 92 -19.39 -23.42 -3.87
C GLY A 92 -19.48 -23.97 -2.45
N GLY A 93 -19.28 -23.13 -1.44
CA GLY A 93 -19.49 -23.52 -0.06
C GLY A 93 -18.23 -23.63 0.77
N GLY A 94 -17.04 -23.52 0.17
CA GLY A 94 -15.81 -23.58 0.92
C GLY A 94 -15.54 -22.31 1.70
N HIS A 95 -14.45 -22.34 2.45
CA HIS A 95 -14.01 -21.19 3.23
C HIS A 95 -12.57 -20.83 2.87
N TYR A 96 -12.29 -19.53 2.94
CA TYR A 96 -11.01 -18.96 2.54
C TYR A 96 -10.47 -18.19 3.76
N ARG A 97 -9.42 -18.74 4.37
CA ARG A 97 -9.00 -18.31 5.70
C ARG A 97 -8.00 -17.16 5.64
N CYS A 98 -8.03 -16.33 6.68
CA CYS A 98 -7.19 -15.14 6.74
C CYS A 98 -6.88 -14.85 8.20
N ASP A 99 -5.62 -14.56 8.52
CA ASP A 99 -5.20 -14.16 9.85
C ASP A 99 -5.06 -12.66 9.91
N TYR A 100 -5.71 -12.04 10.89
CA TYR A 100 -5.65 -10.60 11.12
C TYR A 100 -4.80 -10.33 12.35
N ARG A 101 -3.85 -9.41 12.22
CA ARG A 101 -3.09 -8.88 13.34
C ARG A 101 -3.17 -7.36 13.28
N THR A 102 -3.79 -6.75 14.27
CA THR A 102 -3.99 -5.31 14.30
C THR A 102 -3.34 -4.71 15.54
N THR A 103 -2.68 -3.57 15.36
CA THR A 103 -2.15 -2.77 16.45
C THR A 103 -2.98 -1.50 16.54
N TYR A 104 -3.61 -1.27 17.69
CA TYR A 104 -4.52 -0.16 17.89
C TYR A 104 -3.77 0.92 18.67
N LYS A 105 -3.25 1.91 17.96
CA LYS A 105 -2.49 3.00 18.58
C LYS A 105 -3.49 4.01 19.13
N VAL A 106 -3.99 3.70 20.32
CA VAL A 106 -5.01 4.51 20.98
C VAL A 106 -4.33 5.58 21.80
N LYS A 107 -5.12 6.53 22.33
CA LYS A 107 -4.54 7.70 22.98
C LYS A 107 -3.68 7.32 24.18
N GLN A 108 -4.19 6.48 25.06
CA GLN A 108 -3.39 6.02 26.19
C GLN A 108 -2.28 5.11 25.64
N LYS A 109 -1.04 5.59 25.71
CA LYS A 109 0.06 4.91 25.02
C LYS A 109 0.68 3.81 25.88
N PRO A 110 0.70 3.93 27.22
CA PRO A 110 0.78 2.70 28.02
C PRO A 110 -0.62 2.19 28.39
N VAL A 111 -1.19 1.32 27.56
CA VAL A 111 -2.38 0.59 28.00
C VAL A 111 -1.94 -0.55 28.90
N LYS A 112 -2.84 -0.95 29.80
CA LYS A 112 -2.63 -2.10 30.68
C LYS A 112 -3.98 -2.78 30.90
N LEU A 113 -4.14 -3.95 30.28
CA LEU A 113 -5.20 -4.90 30.59
C LEU A 113 -4.60 -6.15 31.18
N PRO A 114 -4.98 -6.55 32.40
CA PRO A 114 -4.34 -7.70 33.05
C PRO A 114 -4.41 -9.05 32.29
N ASP A 115 -5.48 -9.64 31.70
CA ASP A 115 -6.95 -9.38 31.52
C ASP A 115 -7.31 -8.94 30.10
N TYR A 116 -7.55 -9.90 29.19
CA TYR A 116 -7.98 -9.60 27.83
C TYR A 116 -9.51 -9.67 27.71
N HIS A 117 -10.02 -9.21 26.57
CA HIS A 117 -11.45 -9.29 26.30
C HIS A 117 -11.67 -9.56 24.81
N PHE A 118 -12.93 -9.73 24.43
CA PHE A 118 -13.32 -10.12 23.08
C PHE A 118 -14.17 -9.04 22.44
N VAL A 119 -14.17 -9.03 21.11
CA VAL A 119 -15.09 -8.23 20.31
C VAL A 119 -15.66 -9.17 19.25
N ASP A 120 -16.97 -9.42 19.32
CA ASP A 120 -17.66 -10.23 18.33
C ASP A 120 -18.09 -9.35 17.17
N HIS A 121 -17.83 -9.80 15.95
CA HIS A 121 -18.07 -9.01 14.75
C HIS A 121 -19.09 -9.69 13.86
N ARG A 122 -19.95 -8.87 13.24
CA ARG A 122 -20.71 -9.27 12.06
C ARG A 122 -20.61 -8.15 11.05
N ILE A 123 -20.22 -8.49 9.83
CA ILE A 123 -20.03 -7.49 8.77
C ILE A 123 -20.65 -8.02 7.50
N GLU A 124 -21.38 -7.16 6.80
CA GLU A 124 -22.19 -7.59 5.67
C GLU A 124 -22.37 -6.46 4.68
N ILE A 125 -22.18 -6.78 3.40
CA ILE A 125 -22.54 -5.88 2.31
C ILE A 125 -24.05 -5.96 2.11
N LEU A 126 -24.76 -4.89 2.46
CA LEU A 126 -26.22 -4.89 2.37
C LEU A 126 -26.69 -4.76 0.93
N SER A 127 -26.02 -3.95 0.13
CA SER A 127 -26.40 -3.75 -1.26
C SER A 127 -25.18 -3.37 -2.06
N HIS A 128 -25.26 -3.56 -3.37
CA HIS A 128 -24.16 -3.24 -4.26
C HIS A 128 -24.68 -3.30 -5.68
N ASP A 129 -23.97 -2.64 -6.59
CA ASP A 129 -24.32 -2.72 -8.00
C ASP A 129 -23.46 -3.82 -8.64
N LYS A 130 -23.51 -3.90 -9.96
CA LYS A 130 -22.87 -5.02 -10.66
C LYS A 130 -21.38 -5.12 -10.31
N ASP A 131 -20.64 -4.04 -10.55
CA ASP A 131 -19.19 -4.05 -10.34
C ASP A 131 -18.77 -3.51 -8.98
N TYR A 132 -19.69 -3.41 -8.03
CA TYR A 132 -19.39 -2.94 -6.69
C TYR A 132 -18.79 -1.53 -6.70
N ASN A 133 -19.17 -0.73 -7.71
CA ASN A 133 -18.80 0.68 -7.71
C ASN A 133 -19.52 1.43 -6.60
N LYS A 134 -20.73 1.00 -6.26
CA LYS A 134 -21.49 1.55 -5.15
C LYS A 134 -21.87 0.42 -4.21
N VAL A 135 -21.48 0.54 -2.95
CA VAL A 135 -21.67 -0.51 -1.94
C VAL A 135 -22.22 0.11 -0.66
N LYS A 136 -23.21 -0.56 -0.07
CA LYS A 136 -23.69 -0.23 1.26
C LYS A 136 -23.20 -1.29 2.23
N LEU A 137 -22.39 -0.89 3.19
CA LEU A 137 -21.73 -1.81 4.11
C LEU A 137 -22.28 -1.61 5.51
N TYR A 138 -22.30 -2.70 6.29
CA TYR A 138 -22.88 -2.67 7.64
C TYR A 138 -21.98 -3.45 8.59
N GLU A 139 -21.92 -3.02 9.85
CA GLU A 139 -21.14 -3.71 10.85
C GLU A 139 -21.83 -3.67 12.20
N HIS A 140 -21.74 -4.79 12.91
CA HIS A 140 -22.22 -4.96 14.27
C HIS A 140 -21.04 -5.47 15.09
N ALA A 141 -20.74 -4.78 16.19
CA ALA A 141 -19.59 -5.17 17.00
C ALA A 141 -19.94 -5.01 18.47
N VAL A 142 -19.70 -6.07 19.25
CA VAL A 142 -20.03 -6.11 20.67
C VAL A 142 -18.83 -6.65 21.43
N ALA A 143 -18.48 -6.00 22.53
CA ALA A 143 -17.37 -6.43 23.37
C ALA A 143 -17.91 -7.19 24.58
N ARG A 144 -17.13 -8.17 25.03
CA ARG A 144 -17.52 -8.99 26.17
C ARG A 144 -16.29 -9.57 26.84
N ASN A 145 -16.50 -10.06 28.07
CA ASN A 145 -15.42 -10.56 28.91
C ASN A 145 -14.97 -11.94 28.46
N SER A 146 -13.86 -12.39 29.04
CA SER A 146 -13.37 -13.75 28.83
C SER A 146 -14.38 -14.79 29.30
N SER A 171 -19.48 12.28 26.65
CA SER A 171 -20.06 13.56 26.23
C SER A 171 -19.28 14.17 25.06
N VAL A 172 -18.14 13.56 24.73
CA VAL A 172 -17.44 13.92 23.50
C VAL A 172 -18.05 13.18 22.32
N ILE A 173 -18.43 11.93 22.52
CA ILE A 173 -18.97 11.07 21.49
C ILE A 173 -20.47 10.95 21.74
N LYS A 174 -21.25 11.33 20.75
CA LYS A 174 -22.70 11.42 20.90
C LYS A 174 -23.37 10.11 20.49
N PRO A 175 -24.62 9.89 20.89
CA PRO A 175 -25.31 8.62 20.53
C PRO A 175 -25.39 8.38 19.03
N ASP A 176 -25.54 9.43 18.23
CA ASP A 176 -25.48 9.32 16.78
C ASP A 176 -24.29 10.10 16.27
N MET A 177 -23.62 9.56 15.26
CA MET A 177 -22.40 10.12 14.73
C MET A 177 -22.27 9.79 13.26
N LYS A 178 -21.64 10.69 12.51
CA LYS A 178 -21.31 10.44 11.12
C LYS A 178 -19.93 9.83 11.02
N ASN A 179 -19.65 9.22 9.87
CA ASN A 179 -18.38 8.53 9.66
C ASN A 179 -18.03 8.66 8.18
N LYS A 180 -17.01 9.45 7.90
CA LYS A 180 -16.50 9.66 6.55
C LYS A 180 -15.16 8.94 6.40
N LEU A 181 -14.87 8.49 5.18
CA LEU A 181 -13.60 7.82 4.96
C LEU A 181 -13.13 8.05 3.53
N ARG A 182 -11.84 7.82 3.33
CA ARG A 182 -11.22 7.80 2.02
C ARG A 182 -10.18 6.70 2.02
N MET A 183 -10.18 5.85 1.01
CA MET A 183 -9.22 4.77 0.90
C MET A 183 -8.41 4.94 -0.37
N GLU A 184 -7.09 5.01 -0.22
CA GLU A 184 -6.15 4.88 -1.33
C GLU A 184 -5.61 3.46 -1.28
N GLY A 185 -5.78 2.72 -2.38
CA GLY A 185 -5.50 1.30 -2.37
C GLY A 185 -4.78 0.85 -3.62
N ASN A 186 -4.18 -0.32 -3.52
CA ASN A 186 -3.43 -0.93 -4.60
C ASN A 186 -3.38 -2.42 -4.31
N VAL A 187 -4.00 -3.23 -5.17
CA VAL A 187 -4.20 -4.67 -4.97
C VAL A 187 -3.73 -5.38 -6.22
N ASN A 188 -2.65 -6.15 -6.11
CA ASN A 188 -2.04 -6.85 -7.23
C ASN A 188 -1.74 -5.94 -8.42
N GLY A 189 -1.16 -4.76 -8.17
CA GLY A 189 -0.81 -3.85 -9.24
C GLY A 189 -1.87 -2.84 -9.63
N HIS A 190 -3.11 -2.99 -9.16
CA HIS A 190 -4.24 -2.17 -9.57
C HIS A 190 -4.50 -1.09 -8.52
N ALA A 191 -4.26 0.17 -8.90
CA ALA A 191 -4.52 1.29 -8.01
C ALA A 191 -6.00 1.68 -8.06
N PHE A 192 -6.49 2.22 -6.96
CA PHE A 192 -7.88 2.63 -6.87
C PHE A 192 -8.04 3.59 -5.69
N VAL A 193 -9.13 4.36 -5.73
CA VAL A 193 -9.53 5.25 -4.65
C VAL A 193 -11.01 5.04 -4.37
N ILE A 194 -11.37 4.86 -3.11
CA ILE A 194 -12.75 4.67 -2.69
C ILE A 194 -13.05 5.68 -1.59
N GLU A 195 -14.17 6.39 -1.72
CA GLU A 195 -14.63 7.30 -0.69
C GLU A 195 -15.98 6.83 -0.17
N GLY A 196 -16.31 7.25 1.04
CA GLY A 196 -17.56 6.81 1.65
C GLY A 196 -18.12 7.74 2.70
N GLU A 197 -19.44 7.80 2.78
CA GLU A 197 -20.14 8.55 3.81
C GLU A 197 -21.09 7.61 4.55
N GLY A 198 -21.11 7.72 5.87
CA GLY A 198 -21.89 6.81 6.68
C GLY A 198 -22.30 7.38 8.01
N SER A 199 -22.92 6.55 8.84
CA SER A 199 -23.38 6.96 10.15
C SER A 199 -23.50 5.71 11.01
N GLY A 200 -23.58 5.91 12.32
CA GLY A 200 -23.71 4.78 13.21
C GLY A 200 -24.06 5.22 14.62
N LYS A 201 -24.19 4.23 15.49
CA LYS A 201 -24.48 4.46 16.91
C LYS A 201 -23.32 3.90 17.72
N PRO A 202 -22.35 4.72 18.11
CA PRO A 202 -21.11 4.17 18.70
C PRO A 202 -21.36 3.33 19.94
N PHE A 203 -22.28 3.74 20.82
CA PHE A 203 -22.51 2.99 22.04
C PHE A 203 -23.28 1.71 21.80
N GLU A 204 -23.97 1.60 20.67
CA GLU A 204 -24.66 0.37 20.28
C GLU A 204 -23.82 -0.51 19.37
N GLY A 205 -22.70 -0.01 18.85
CA GLY A 205 -21.80 -0.82 18.05
C GLY A 205 -22.31 -1.20 16.67
N ILE A 206 -23.16 -0.36 16.07
CA ILE A 206 -23.66 -0.61 14.72
C ILE A 206 -23.45 0.63 13.87
N GLN A 207 -23.23 0.43 12.57
CA GLN A 207 -22.91 1.52 11.67
C GLN A 207 -23.12 1.08 10.24
N THR A 208 -23.47 2.04 9.37
CA THR A 208 -23.59 1.82 7.95
CA THR A 208 -23.59 1.81 7.94
C THR A 208 -22.72 2.82 7.21
N ILE A 209 -22.38 2.49 5.97
CA ILE A 209 -21.61 3.41 5.14
C ILE A 209 -21.89 3.09 3.68
N ASP A 210 -21.99 4.15 2.88
CA ASP A 210 -22.18 4.03 1.44
C ASP A 210 -20.88 4.39 0.74
N LEU A 211 -20.38 3.48 -0.08
CA LEU A 211 -19.03 3.53 -0.63
C LEU A 211 -19.07 3.66 -2.14
N GLU A 212 -18.19 4.51 -2.69
CA GLU A 212 -18.12 4.75 -4.11
C GLU A 212 -16.68 4.67 -4.59
N VAL A 213 -16.45 3.86 -5.62
CA VAL A 213 -15.15 3.77 -6.28
C VAL A 213 -14.95 5.05 -7.09
N LYS A 214 -13.95 5.86 -6.69
CA LYS A 214 -13.67 7.12 -7.37
C LYS A 214 -12.60 6.97 -8.44
N GLU A 215 -11.66 6.04 -8.27
CA GLU A 215 -10.63 5.78 -9.27
C GLU A 215 -10.37 4.29 -9.31
N GLY A 216 -10.02 3.80 -10.50
CA GLY A 216 -9.72 2.40 -10.67
C GLY A 216 -10.90 1.50 -10.96
N ALA A 217 -12.07 2.07 -11.25
CA ALA A 217 -13.21 1.22 -11.58
C ALA A 217 -13.04 0.65 -12.98
N PRO A 218 -13.49 -0.60 -13.22
CA PRO A 218 -14.06 -1.49 -12.22
C PRO A 218 -12.98 -2.26 -11.46
N LEU A 219 -13.21 -2.51 -10.17
CA LEU A 219 -12.25 -3.26 -9.38
C LEU A 219 -12.16 -4.69 -9.86
N PRO A 220 -10.96 -5.19 -10.24
CA PRO A 220 -10.83 -6.55 -10.75
C PRO A 220 -10.71 -7.64 -9.69
N PHE A 221 -10.94 -7.31 -8.41
CA PHE A 221 -10.74 -8.24 -7.32
C PHE A 221 -11.97 -8.24 -6.41
N ALA A 222 -12.02 -9.22 -5.51
CA ALA A 222 -13.13 -9.36 -4.60
C ALA A 222 -13.19 -8.17 -3.64
N TYR A 223 -14.32 -7.46 -3.67
CA TYR A 223 -14.53 -6.31 -2.79
C TYR A 223 -14.42 -6.69 -1.32
N ASP A 224 -14.65 -7.97 -0.99
CA ASP A 224 -14.70 -8.38 0.41
C ASP A 224 -13.38 -8.13 1.14
N ILE A 225 -12.26 -8.12 0.42
CA ILE A 225 -10.97 -7.92 1.08
C ILE A 225 -10.81 -6.49 1.60
N LEU A 226 -11.65 -5.56 1.13
CA LEU A 226 -11.58 -4.17 1.56
C LEU A 226 -12.49 -3.84 2.74
N THR A 227 -13.56 -4.61 2.95
CA THR A 227 -14.66 -4.14 3.79
C THR A 227 -14.25 -3.96 5.25
N THR A 228 -13.36 -4.84 5.75
CA THR A 228 -12.92 -4.71 7.15
C THR A 228 -12.00 -3.51 7.35
N ALA A 229 -11.38 -3.01 6.28
CA ALA A 229 -10.63 -1.76 6.41
C ALA A 229 -11.57 -0.56 6.49
N PHE A 230 -12.71 -0.62 5.81
CA PHE A 230 -13.73 0.43 5.88
C PHE A 230 -14.39 0.44 7.26
N ASN A 232 -13.33 1.06 12.32
CA ASN A 232 -13.29 2.07 13.36
C ASN A 232 -13.93 1.54 14.64
N ARG A 233 -13.10 1.01 15.54
CA ARG A 233 -13.58 0.34 16.74
C ARG A 233 -14.30 1.27 17.72
N VAL A 234 -14.40 2.57 17.42
CA VAL A 234 -15.26 3.40 18.25
C VAL A 234 -16.71 2.91 18.18
N PHE A 235 -17.08 2.28 17.06
CA PHE A 235 -18.41 1.70 16.89
C PHE A 235 -18.41 0.25 17.41
N THR A 236 -18.42 0.15 18.74
CA THR A 236 -18.41 -1.14 19.42
C THR A 236 -19.20 -1.00 20.71
N LYS A 237 -20.10 -1.96 20.97
CA LYS A 237 -20.92 -1.92 22.17
C LYS A 237 -20.09 -2.43 23.34
N TYR A 238 -19.57 -1.51 24.10
CA TYR A 238 -18.84 -1.70 25.35
C TYR A 238 -19.78 -1.45 26.53
N PRO A 239 -19.60 -2.15 27.66
CA PRO A 239 -20.44 -1.85 28.83
C PRO A 239 -20.09 -0.50 29.45
N ILE B 2 49.92 3.04 6.23
CA ILE B 2 49.04 3.03 7.39
C ILE B 2 47.64 3.49 7.02
N PRO B 3 46.65 2.61 7.16
CA PRO B 3 45.27 2.99 6.85
C PRO B 3 44.69 3.90 7.92
N ASP B 4 44.06 4.99 7.47
CA ASP B 4 43.41 5.97 8.33
C ASP B 4 41.94 5.57 8.49
N TYR B 5 41.67 4.70 9.47
CA TYR B 5 40.31 4.22 9.67
C TYR B 5 39.39 5.30 10.22
N PHE B 6 39.94 6.38 10.76
CA PHE B 6 39.11 7.43 11.35
C PHE B 6 38.53 8.35 10.28
N LYS B 7 39.35 8.78 9.33
CA LYS B 7 38.85 9.65 8.27
C LYS B 7 37.95 8.91 7.30
N GLN B 8 38.11 7.59 7.18
CA GLN B 8 37.26 6.84 6.27
C GLN B 8 35.94 6.44 6.91
N SER B 9 35.72 6.80 8.18
CA SER B 9 34.45 6.59 8.85
C SER B 9 33.46 7.71 8.61
N PHE B 10 33.77 8.64 7.70
CA PHE B 10 32.85 9.74 7.48
C PHE B 10 32.38 9.74 6.03
N PRO B 11 31.15 10.23 5.76
CA PRO B 11 30.24 10.99 6.64
C PRO B 11 29.49 10.20 7.74
N GLU B 12 29.60 8.87 7.78
CA GLU B 12 28.83 8.09 8.74
C GLU B 12 29.11 8.55 10.17
N GLY B 13 30.38 8.68 10.52
CA GLY B 13 30.79 8.91 11.90
C GLY B 13 31.38 7.67 12.52
N TYR B 14 31.74 7.80 13.79
CA TYR B 14 32.29 6.68 14.55
C TYR B 14 32.16 7.01 16.02
N SER B 15 32.58 6.07 16.86
CA SER B 15 32.48 6.25 18.30
C SER B 15 33.64 5.51 18.97
N TRP B 16 33.90 5.85 20.23
CA TRP B 16 34.91 5.12 20.98
C TRP B 16 34.49 5.01 22.44
N GLU B 17 35.02 3.99 23.11
CA GLU B 17 34.87 3.82 24.54
C GLU B 17 36.26 3.59 25.09
N ARG B 18 36.51 4.15 26.26
CA ARG B 18 37.85 4.24 26.81
C ARG B 18 37.79 4.00 28.31
N SER B 19 38.69 3.15 28.80
CA SER B 19 38.93 2.98 30.23
C SER B 19 40.23 3.67 30.61
N MET B 20 40.24 4.31 31.77
CA MET B 20 41.41 5.05 32.25
C MET B 20 41.63 4.68 33.71
N THR B 21 42.65 3.86 33.97
CA THR B 21 42.91 3.29 35.29
C THR B 21 44.15 3.96 35.88
N TYR B 22 43.95 4.73 36.94
CA TYR B 22 45.03 5.46 37.60
C TYR B 22 45.67 4.58 38.67
N GLU B 23 46.95 4.85 38.93
CA GLU B 23 47.75 3.97 39.79
C GLU B 23 47.31 3.96 41.25
N ASP B 24 46.43 4.87 41.67
CA ASP B 24 45.93 4.88 43.04
C ASP B 24 44.47 4.45 43.14
N GLY B 25 43.97 3.71 42.15
CA GLY B 25 42.63 3.18 42.19
C GLY B 25 41.57 4.07 41.58
N GLY B 26 41.91 5.30 41.22
CA GLY B 26 40.98 6.15 40.50
C GLY B 26 40.68 5.58 39.13
N ILE B 27 39.40 5.48 38.79
CA ILE B 27 38.96 4.90 37.52
C ILE B 27 38.07 5.91 36.82
N CYS B 28 38.27 6.07 35.51
CA CYS B 28 37.41 6.88 34.68
C CYS B 28 37.02 6.11 33.43
N ILE B 29 35.74 6.20 33.08
CA ILE B 29 35.17 5.54 31.92
C ILE B 29 34.52 6.62 31.05
N ALA B 30 34.81 6.60 29.75
CA ALA B 30 34.27 7.62 28.86
C ALA B 30 33.83 7.00 27.54
N THR B 31 32.84 7.63 26.91
CA THR B 31 32.42 7.30 25.56
C THR B 31 32.25 8.59 24.77
N ASN B 32 32.43 8.49 23.45
CA ASN B 32 32.23 9.61 22.55
C ASN B 32 31.56 9.13 21.28
N ASP B 33 30.45 9.77 20.91
CA ASP B 33 29.78 9.48 19.64
C ASP B 33 30.01 10.67 18.71
N ILE B 34 30.75 10.43 17.64
CA ILE B 34 31.21 11.49 16.76
C ILE B 34 30.47 11.41 15.44
N THR B 35 29.85 12.51 15.06
CA THR B 35 29.15 12.67 13.80
C THR B 35 29.71 13.88 13.06
N MET B 36 29.07 14.24 11.96
CA MET B 36 29.53 15.36 11.14
C MET B 36 28.32 16.06 10.51
N GLU B 37 28.24 17.38 10.67
CA GLU B 37 27.23 18.20 9.99
C GLU B 37 27.96 19.25 9.16
N GLY B 38 28.04 19.03 7.86
CA GLY B 38 28.69 19.97 6.96
C GLY B 38 30.17 20.14 7.24
N ASP B 39 30.53 21.26 7.90
CA ASP B 39 31.91 21.65 8.13
C ASP B 39 32.43 21.25 9.51
N SER B 40 31.62 20.62 10.36
CA SER B 40 31.94 20.46 11.77
C SER B 40 31.73 19.04 12.23
N PHE B 41 32.66 18.54 13.06
CA PHE B 41 32.45 17.31 13.82
C PHE B 41 31.71 17.66 15.10
N ILE B 42 30.81 16.77 15.52
CA ILE B 42 30.03 16.93 16.74
C ILE B 42 30.32 15.75 17.64
N ASN B 43 30.63 16.04 18.90
CA ASN B 43 31.07 15.03 19.85
C ASN B 43 30.09 15.02 21.02
N LYS B 44 29.48 13.87 21.27
CA LYS B 44 28.64 13.68 22.44
C LYS B 44 29.39 12.77 23.38
N ILE B 45 29.89 13.34 24.47
CA ILE B 45 30.82 12.66 25.37
C ILE B 45 30.12 12.43 26.69
N HIS B 46 30.30 11.24 27.25
CA HIS B 46 29.86 10.91 28.60
C HIS B 46 31.06 10.43 29.39
N PHE B 47 31.24 10.99 30.58
CA PHE B 47 32.47 10.79 31.35
C PHE B 47 32.10 10.49 32.79
N LYS B 48 32.56 9.36 33.30
CA LYS B 48 32.32 9.00 34.70
C LYS B 48 33.62 8.56 35.34
N GLY B 49 33.87 9.06 36.55
CA GLY B 49 35.06 8.68 37.30
C GLY B 49 34.73 8.49 38.76
N THR B 50 35.52 7.65 39.44
CA THR B 50 35.19 7.28 40.81
C THR B 50 36.43 6.75 41.54
N ASN B 51 36.29 6.63 42.87
CA ASN B 51 37.33 6.12 43.77
C ASN B 51 38.63 6.88 43.62
N PHE B 52 38.56 8.17 43.41
CA PHE B 52 39.77 8.96 43.54
C PHE B 52 39.97 9.31 45.01
N PRO B 53 41.17 9.13 45.57
CA PRO B 53 41.38 9.37 47.01
C PRO B 53 41.16 10.83 47.36
N PRO B 54 40.51 11.12 48.49
CA PRO B 54 40.22 12.53 48.83
C PRO B 54 41.45 13.42 48.84
N ASN B 55 42.61 12.91 49.24
CA ASN B 55 43.83 13.71 49.34
C ASN B 55 44.86 13.31 48.28
N GLY B 56 44.42 12.68 47.20
CA GLY B 56 45.30 12.36 46.09
C GLY B 56 45.34 13.49 45.09
N PRO B 57 46.17 13.36 44.04
CA PRO B 57 46.48 14.53 43.19
C PRO B 57 45.29 15.08 42.41
N VAL B 58 44.27 14.27 42.12
CA VAL B 58 43.17 14.74 41.27
C VAL B 58 42.19 15.55 42.09
N MET B 59 41.89 15.09 43.32
CA MET B 59 40.96 15.82 44.18
C MET B 59 41.57 17.09 44.75
N GLN B 60 42.90 17.14 44.85
CA GLN B 60 43.60 18.30 45.36
C GLN B 60 44.21 19.14 44.25
N LYS B 61 43.92 18.82 42.99
CA LYS B 61 44.39 19.58 41.83
C LYS B 61 45.90 19.82 41.89
N ARG B 62 46.65 18.74 42.05
CA ARG B 62 48.11 18.80 42.07
C ARG B 62 48.73 18.29 40.77
N THR B 63 48.02 18.38 39.65
CA THR B 63 48.49 17.89 38.37
C THR B 63 48.82 19.07 37.45
N VAL B 64 49.84 18.90 36.61
CA VAL B 64 50.20 19.92 35.62
C VAL B 64 50.50 19.32 34.24
N GLY B 65 49.51 18.66 33.66
CA GLY B 65 49.55 18.31 32.25
C GLY B 65 49.97 16.88 31.99
N TRP B 66 49.60 16.38 30.80
CA TRP B 66 49.95 15.05 30.34
C TRP B 66 51.26 15.07 29.57
N GLU B 67 52.17 14.17 29.90
CA GLU B 67 53.39 14.07 29.10
C GLU B 67 53.10 13.49 27.74
N ALA B 68 54.02 13.72 26.82
CA ALA B 68 53.91 13.13 25.48
C ALA B 68 53.77 11.62 25.58
N SER B 69 52.92 11.06 24.74
CA SER B 69 52.63 9.64 24.83
C SER B 69 52.76 8.99 23.46
N THR B 70 52.87 7.67 23.48
CA THR B 70 52.82 6.85 22.28
C THR B 70 51.71 5.83 22.45
N GLU B 71 50.68 5.92 21.61
CA GLU B 71 49.55 5.01 21.64
C GLU B 71 49.68 3.99 20.51
N LYS B 72 49.53 2.72 20.85
CA LYS B 72 49.69 1.60 19.92
C LYS B 72 48.33 1.24 19.33
N MET B 73 48.19 1.41 18.01
CA MET B 73 46.96 1.11 17.29
C MET B 73 47.05 -0.31 16.76
N TYR B 74 46.11 -1.16 17.17
CA TYR B 74 46.22 -2.57 16.80
C TYR B 74 44.84 -3.20 16.68
N GLU B 75 44.80 -4.28 15.90
CA GLU B 75 43.58 -5.04 15.65
C GLU B 75 43.65 -6.38 16.39
N ARG B 76 42.58 -6.69 17.13
CA ARG B 76 42.31 -7.97 17.76
C ARG B 76 40.85 -8.31 17.54
N ASP B 77 40.59 -9.53 17.07
CA ASP B 77 39.26 -9.98 16.63
C ASP B 77 38.56 -8.94 15.75
N GLY B 78 39.31 -8.33 14.83
CA GLY B 78 38.70 -7.40 13.90
C GLY B 78 38.18 -6.11 14.49
N VAL B 79 38.49 -5.84 15.75
CA VAL B 79 38.11 -4.59 16.42
C VAL B 79 39.37 -3.73 16.58
N LEU B 80 39.25 -2.47 16.18
CA LEU B 80 40.37 -1.53 16.30
C LEU B 80 40.47 -1.02 17.72
N LYS B 81 41.66 -1.16 18.32
CA LYS B 81 41.86 -0.78 19.71
C LYS B 81 43.13 0.06 19.83
N GLY B 82 43.18 0.85 20.90
CA GLY B 82 44.37 1.64 21.20
C GLY B 82 44.79 1.53 22.64
N ASP B 83 46.06 1.22 22.89
CA ASP B 83 46.62 1.14 24.23
C ASP B 83 47.73 2.17 24.37
N VAL B 84 47.72 2.91 25.47
CA VAL B 84 48.76 3.88 25.77
C VAL B 84 48.87 4.04 27.28
N LYS B 85 50.10 3.96 27.78
CA LYS B 85 50.38 4.28 29.17
C LYS B 85 50.65 5.77 29.27
N MET B 86 49.96 6.45 30.18
CA MET B 86 49.97 7.90 30.26
C MET B 86 50.54 8.36 31.60
N LYS B 87 51.17 9.52 31.59
CA LYS B 87 51.80 10.09 32.78
C LYS B 87 51.23 11.48 33.03
N LEU B 88 50.78 11.72 34.26
CA LEU B 88 50.32 13.03 34.72
C LEU B 88 51.43 13.67 35.55
N LEU B 89 52.00 14.77 35.06
CA LEU B 89 53.03 15.46 35.84
C LEU B 89 52.40 16.10 37.08
N LEU B 90 53.05 15.91 38.22
CA LEU B 90 52.57 16.45 39.48
C LEU B 90 53.31 17.73 39.84
N LYS B 91 52.62 18.61 40.57
CA LYS B 91 53.32 19.60 41.37
C LYS B 91 54.16 18.88 42.41
N GLY B 92 55.41 19.29 42.55
CA GLY B 92 56.38 18.56 43.33
C GLY B 92 57.42 17.85 42.48
N GLY B 93 57.07 17.44 41.28
CA GLY B 93 57.99 16.82 40.34
C GLY B 93 57.67 15.39 39.99
N GLY B 94 56.80 14.73 40.76
CA GLY B 94 56.49 13.34 40.51
C GLY B 94 55.58 13.16 39.31
N HIS B 95 55.28 11.89 39.03
CA HIS B 95 54.40 11.50 37.95
C HIS B 95 53.29 10.62 38.48
N TYR B 96 52.11 10.77 37.88
CA TYR B 96 50.89 10.06 38.28
C TYR B 96 50.46 9.23 37.08
N ARG B 97 50.65 7.92 37.17
CA ARG B 97 50.49 7.02 36.04
C ARG B 97 49.07 6.54 35.89
N CYS B 98 48.72 6.18 34.66
CA CYS B 98 47.36 5.83 34.30
C CYS B 98 47.41 5.05 32.99
N ASP B 99 46.62 3.98 32.89
CA ASP B 99 46.58 3.12 31.71
C ASP B 99 45.33 3.40 30.88
N TYR B 100 45.50 3.74 29.60
CA TYR B 100 44.38 3.94 28.67
C TYR B 100 44.16 2.66 27.87
N ARG B 101 42.89 2.25 27.77
CA ARG B 101 42.47 1.21 26.83
C ARG B 101 41.24 1.72 26.10
N THR B 102 41.35 1.87 24.78
CA THR B 102 40.29 2.46 23.98
C THR B 102 39.87 1.51 22.87
N THR B 103 38.56 1.41 22.65
CA THR B 103 37.98 0.66 21.54
C THR B 103 37.42 1.65 20.54
N TYR B 104 37.95 1.62 19.32
CA TYR B 104 37.58 2.59 18.29
C TYR B 104 36.60 1.92 17.34
N LYS B 105 35.32 2.22 17.55
CA LYS B 105 34.22 1.68 16.74
C LYS B 105 34.16 2.46 15.43
N VAL B 106 35.03 2.06 14.49
CA VAL B 106 35.13 2.76 13.21
C VAL B 106 34.18 2.12 12.21
N LYS B 107 34.00 2.82 11.08
CA LYS B 107 33.03 2.40 10.08
C LYS B 107 33.26 0.98 9.61
N GLN B 108 34.53 0.59 9.43
CA GLN B 108 34.81 -0.70 8.81
C GLN B 108 34.77 -1.80 9.85
N LYS B 109 33.76 -2.67 9.72
CA LYS B 109 33.69 -3.94 10.42
C LYS B 109 33.86 -5.03 9.37
N PRO B 110 34.85 -5.94 9.49
CA PRO B 110 35.91 -5.97 10.50
C PRO B 110 37.17 -5.20 10.10
N VAL B 111 37.93 -4.75 11.09
CA VAL B 111 39.23 -4.13 10.84
C VAL B 111 40.22 -5.21 10.43
N LYS B 112 41.19 -4.85 9.59
CA LYS B 112 42.26 -5.77 9.17
C LYS B 112 43.59 -5.02 9.18
N LEU B 113 44.32 -5.13 10.30
CA LEU B 113 45.69 -4.63 10.38
C LEU B 113 46.61 -5.81 10.66
N PRO B 114 47.30 -6.34 9.66
CA PRO B 114 48.20 -7.48 9.92
C PRO B 114 49.35 -7.11 10.84
N ASP B 115 49.78 -5.85 10.81
CA ASP B 115 50.70 -5.31 11.81
C ASP B 115 50.14 -4.00 12.34
N TYR B 116 50.59 -3.63 13.53
CA TYR B 116 50.11 -2.46 14.24
C TYR B 116 50.87 -1.20 13.84
N HIS B 117 50.40 -0.06 14.34
CA HIS B 117 51.09 1.22 14.15
C HIS B 117 50.94 2.06 15.42
N PHE B 118 51.58 3.23 15.42
CA PHE B 118 51.63 4.10 16.58
C PHE B 118 50.99 5.44 16.27
N VAL B 119 50.59 6.14 17.32
CA VAL B 119 50.15 7.52 17.24
C VAL B 119 50.79 8.26 18.40
N ASP B 120 51.74 9.16 18.09
CA ASP B 120 52.39 9.97 19.12
C ASP B 120 51.51 11.17 19.45
N HIS B 121 51.32 11.42 20.74
CA HIS B 121 50.41 12.46 21.21
C HIS B 121 51.15 13.57 21.94
N ARG B 122 50.70 14.79 21.72
CA ARG B 122 51.03 15.94 22.56
C ARG B 122 49.72 16.66 22.86
N ILE B 123 49.45 16.88 24.15
CA ILE B 123 48.24 17.56 24.56
C ILE B 123 48.60 18.56 25.66
N GLU B 124 48.10 19.79 25.54
CA GLU B 124 48.51 20.88 26.42
C GLU B 124 47.38 21.89 26.58
N ILE B 125 47.13 22.29 27.83
CA ILE B 125 46.22 23.39 28.13
C ILE B 125 46.95 24.71 27.85
N LEU B 126 46.55 25.40 26.77
CA LEU B 126 47.20 26.65 26.37
C LEU B 126 46.82 27.80 27.29
N SER B 127 45.56 27.88 27.71
CA SER B 127 45.09 28.97 28.55
C SER B 127 44.03 28.43 29.49
N HIS B 128 43.81 29.16 30.57
CA HIS B 128 42.71 28.83 31.48
C HIS B 128 42.55 29.96 32.47
N ASP B 129 41.34 30.08 33.02
CA ASP B 129 41.11 31.01 34.10
C ASP B 129 41.35 30.29 35.42
N LYS B 130 40.97 30.92 36.54
CA LYS B 130 41.44 30.46 37.85
C LYS B 130 40.88 29.10 38.20
N ASP B 131 39.57 28.91 38.03
CA ASP B 131 38.90 27.64 38.30
C ASP B 131 38.71 26.78 37.07
N TYR B 132 39.42 27.07 35.98
CA TYR B 132 39.32 26.29 34.74
C TYR B 132 37.89 26.24 34.22
N ASN B 133 37.11 27.29 34.47
CA ASN B 133 35.78 27.40 33.88
C ASN B 133 35.87 27.66 32.39
N LYS B 134 36.96 28.28 31.93
CA LYS B 134 37.25 28.49 30.52
C LYS B 134 38.68 28.07 30.28
N VAL B 135 38.89 27.18 29.33
CA VAL B 135 40.17 26.52 29.10
C VAL B 135 40.45 26.56 27.60
N LYS B 136 41.70 26.79 27.21
CA LYS B 136 42.12 26.59 25.82
C LYS B 136 42.97 25.31 25.75
N LEU B 137 42.48 24.32 25.00
CA LEU B 137 43.11 23.02 24.88
C LEU B 137 43.65 22.82 23.47
N TYR B 138 44.79 22.12 23.39
CA TYR B 138 45.50 21.91 22.14
C TYR B 138 45.95 20.45 22.05
N GLU B 139 46.00 19.92 20.84
CA GLU B 139 46.47 18.55 20.64
C GLU B 139 47.24 18.44 19.35
N HIS B 140 48.29 17.62 19.38
CA HIS B 140 49.11 17.29 18.23
C HIS B 140 49.23 15.77 18.21
N ALA B 141 48.89 15.16 17.08
CA ALA B 141 48.87 13.71 16.97
C ALA B 141 49.40 13.29 15.61
N VAL B 142 50.35 12.37 15.61
CA VAL B 142 51.04 11.94 14.40
C VAL B 142 51.15 10.42 14.41
N ALA B 143 50.78 9.79 13.30
CA ALA B 143 50.84 8.35 13.18
C ALA B 143 52.12 7.94 12.46
N ARG B 144 52.64 6.77 12.82
CA ARG B 144 53.85 6.25 12.22
C ARG B 144 53.88 4.74 12.34
N ASN B 145 54.77 4.12 11.57
CA ASN B 145 54.93 2.68 11.54
C ASN B 145 55.65 2.19 12.80
N SER B 146 55.72 0.86 12.94
CA SER B 146 56.30 0.21 14.11
C SER B 146 57.81 0.45 14.20
N SER B 171 36.92 14.15 -0.43
CA SER B 171 35.75 15.02 -0.63
C SER B 171 35.04 15.35 0.68
N VAL B 172 35.18 14.46 1.66
CA VAL B 172 34.33 14.51 2.84
C VAL B 172 35.02 15.23 3.99
N ILE B 173 36.31 15.02 4.18
CA ILE B 173 37.09 15.68 5.22
C ILE B 173 37.91 16.79 4.57
N LYS B 174 37.70 18.02 5.03
CA LYS B 174 38.33 19.20 4.46
C LYS B 174 39.63 19.52 5.20
N PRO B 175 40.53 20.29 4.58
CA PRO B 175 41.77 20.67 5.28
C PRO B 175 41.55 21.45 6.55
N ASP B 176 40.50 22.26 6.62
CA ASP B 176 40.08 22.92 7.84
C ASP B 176 38.69 22.47 8.21
N MET B 177 38.49 22.14 9.48
CA MET B 177 37.20 21.67 9.96
C MET B 177 36.97 22.22 11.36
N LYS B 178 35.69 22.45 11.67
CA LYS B 178 35.30 22.81 13.02
C LYS B 178 35.11 21.55 13.85
N ASN B 179 35.01 21.73 15.16
CA ASN B 179 34.89 20.60 16.07
C ASN B 179 34.15 21.08 17.32
N LYS B 180 32.90 20.66 17.48
CA LYS B 180 32.09 20.98 18.65
C LYS B 180 31.96 19.74 19.53
N LEU B 181 31.73 19.97 20.82
CA LEU B 181 31.50 18.86 21.74
C LEU B 181 30.64 19.31 22.90
N ARG B 182 29.95 18.33 23.48
CA ARG B 182 29.30 18.45 24.78
C ARG B 182 29.79 17.29 25.62
N MET B 183 30.03 17.54 26.89
CA MET B 183 30.43 16.49 27.82
C MET B 183 29.50 16.49 29.02
N GLU B 184 28.83 15.36 29.25
CA GLU B 184 28.11 15.12 30.49
C GLU B 184 29.01 14.26 31.37
N GLY B 185 29.34 14.75 32.56
CA GLY B 185 30.37 14.13 33.36
C GLY B 185 29.97 14.06 34.82
N ASN B 186 30.54 13.08 35.50
CA ASN B 186 30.34 12.91 36.94
C ASN B 186 31.61 12.26 37.50
N VAL B 187 32.29 12.95 38.41
CA VAL B 187 33.54 12.47 38.98
C VAL B 187 33.43 12.53 40.49
N ASN B 188 33.61 11.39 41.15
CA ASN B 188 33.52 11.29 42.61
C ASN B 188 32.23 11.94 43.12
N GLY B 189 31.15 11.74 42.38
CA GLY B 189 29.84 12.23 42.77
C GLY B 189 29.51 13.64 42.34
N HIS B 190 30.45 14.37 41.74
CA HIS B 190 30.20 15.75 41.33
C HIS B 190 29.80 15.75 39.86
N ALA B 191 28.56 16.13 39.59
CA ALA B 191 28.07 16.20 38.22
C ALA B 191 28.46 17.52 37.59
N PHE B 192 28.67 17.49 36.27
CA PHE B 192 29.05 18.70 35.55
C PHE B 192 28.75 18.52 34.08
N VAL B 193 28.66 19.66 33.37
CA VAL B 193 28.50 19.68 31.92
C VAL B 193 29.50 20.69 31.37
N ILE B 194 30.21 20.30 30.32
CA ILE B 194 31.19 21.16 29.65
C ILE B 194 30.87 21.16 28.17
N GLU B 195 30.79 22.34 27.58
CA GLU B 195 30.64 22.49 26.15
C GLU B 195 31.90 23.12 25.56
N GLY B 196 32.14 22.85 24.28
CA GLY B 196 33.33 23.35 23.63
C GLY B 196 33.19 23.59 22.14
N GLU B 197 33.82 24.65 21.66
CA GLU B 197 33.86 24.97 20.24
C GLU B 197 35.31 25.10 19.79
N GLY B 198 35.66 24.45 18.69
CA GLY B 198 37.04 24.42 18.27
C GLY B 198 37.24 24.30 16.77
N SER B 199 38.47 24.04 16.37
CA SER B 199 38.83 23.93 14.96
C SER B 199 40.14 23.17 14.87
N GLY B 200 40.47 22.74 13.66
CA GLY B 200 41.72 22.02 13.50
C GLY B 200 41.99 21.70 12.05
N LYS B 201 43.12 21.04 11.83
CA LYS B 201 43.56 20.59 10.51
C LYS B 201 43.69 19.08 10.54
N PRO B 202 42.67 18.33 10.10
CA PRO B 202 42.69 16.87 10.30
C PRO B 202 43.89 16.16 9.67
N PHE B 203 44.30 16.57 8.47
CA PHE B 203 45.41 15.90 7.81
C PHE B 203 46.75 16.23 8.45
N GLU B 204 46.83 17.32 9.23
CA GLU B 204 48.04 17.68 9.94
C GLU B 204 48.02 17.25 11.41
N GLY B 205 46.90 16.74 11.90
CA GLY B 205 46.84 16.27 13.28
C GLY B 205 46.92 17.35 14.32
N ILE B 206 46.43 18.55 14.02
CA ILE B 206 46.48 19.69 14.93
C ILE B 206 45.07 20.19 15.15
N GLN B 207 44.75 20.56 16.39
CA GLN B 207 43.42 21.07 16.70
C GLN B 207 43.46 21.84 18.02
N THR B 208 42.57 22.82 18.12
CA THR B 208 42.35 23.60 19.33
C THR B 208 40.85 23.58 19.62
N ILE B 209 40.48 23.72 20.88
CA ILE B 209 39.07 23.84 21.24
C ILE B 209 38.94 24.78 22.42
N ASP B 210 37.85 25.55 22.47
CA ASP B 210 37.58 26.42 23.59
C ASP B 210 36.44 25.85 24.43
N LEU B 211 36.72 25.61 25.72
CA LEU B 211 35.89 24.81 26.61
C LEU B 211 35.33 25.65 27.75
N GLU B 212 34.04 25.44 28.05
CA GLU B 212 33.32 26.18 29.07
C GLU B 212 32.56 25.22 29.97
N VAL B 213 32.71 25.39 31.28
CA VAL B 213 31.92 24.65 32.26
C VAL B 213 30.53 25.27 32.31
N LYS B 214 29.52 24.53 31.85
CA LYS B 214 28.14 25.03 31.86
C LYS B 214 27.38 24.65 33.12
N GLU B 215 27.72 23.54 33.75
CA GLU B 215 27.10 23.12 35.00
C GLU B 215 28.17 22.48 35.87
N GLY B 216 28.01 22.63 37.19
CA GLY B 216 28.94 22.04 38.14
C GLY B 216 30.15 22.90 38.49
N ALA B 217 30.18 24.16 38.08
CA ALA B 217 31.30 25.01 38.46
C ALA B 217 31.20 25.37 39.94
N PRO B 218 32.34 25.48 40.64
CA PRO B 218 33.69 25.21 40.12
C PRO B 218 34.07 23.73 40.27
N LEU B 219 34.76 23.18 39.27
CA LEU B 219 35.11 21.77 39.30
C LEU B 219 36.05 21.49 40.45
N PRO B 220 35.71 20.57 41.36
CA PRO B 220 36.59 20.27 42.50
C PRO B 220 37.69 19.26 42.22
N PHE B 221 37.98 18.93 40.96
CA PHE B 221 39.01 17.95 40.62
C PHE B 221 39.89 18.51 39.52
N ALA B 222 41.02 17.82 39.32
CA ALA B 222 41.98 18.20 38.29
C ALA B 222 41.36 18.14 36.91
N TYR B 223 41.31 19.29 36.24
CA TYR B 223 40.80 19.36 34.87
C TYR B 223 41.54 18.40 33.94
N ASP B 224 42.80 18.08 34.25
CA ASP B 224 43.62 17.28 33.34
C ASP B 224 43.00 15.93 33.02
N ILE B 225 42.20 15.37 33.92
CA ILE B 225 41.61 14.05 33.70
C ILE B 225 40.57 14.06 32.60
N LEU B 226 40.04 15.24 32.24
CA LEU B 226 39.03 15.35 31.20
C LEU B 226 39.61 15.62 29.81
N THR B 227 40.82 16.20 29.73
CA THR B 227 41.28 16.75 28.46
C THR B 227 41.44 15.66 27.40
N THR B 228 41.81 14.45 27.81
CA THR B 228 41.92 13.36 26.86
C THR B 228 40.58 13.00 26.24
N ALA B 229 39.49 13.17 26.97
CA ALA B 229 38.18 12.86 26.39
C ALA B 229 37.73 13.95 25.40
N PHE B 230 38.13 15.19 25.62
CA PHE B 230 37.80 16.29 24.71
C PHE B 230 38.51 16.14 23.37
N ASN B 232 39.19 12.83 19.42
CA ASN B 232 38.72 12.60 18.06
C ASN B 232 39.91 12.37 17.15
N ARG B 233 40.21 11.10 16.89
CA ARG B 233 41.41 10.79 16.13
C ARG B 233 41.28 11.10 14.65
N VAL B 234 40.17 11.69 14.19
CA VAL B 234 40.16 12.24 12.84
C VAL B 234 41.26 13.28 12.69
N PHE B 235 41.62 13.95 13.79
CA PHE B 235 42.73 14.90 13.80
C PHE B 235 44.03 14.18 14.14
N THR B 236 44.52 13.42 13.15
CA THR B 236 45.79 12.72 13.27
C THR B 236 46.48 12.74 11.91
N LYS B 237 47.77 13.04 11.91
CA LYS B 237 48.55 13.10 10.67
C LYS B 237 48.91 11.68 10.25
N TYR B 238 48.14 11.14 9.32
CA TYR B 238 48.45 9.86 8.72
C TYR B 238 49.17 10.06 7.39
N PRO B 239 50.15 9.21 7.03
CA PRO B 239 50.73 9.30 5.68
C PRO B 239 49.71 9.01 4.59
N ILE C 2 9.69 27.84 53.85
CA ILE C 2 9.82 28.33 52.49
C ILE C 2 8.90 29.51 52.25
N PRO C 3 9.46 30.67 51.91
CA PRO C 3 8.62 31.82 51.59
C PRO C 3 7.92 31.64 50.25
N ASP C 4 6.65 32.05 50.21
CA ASP C 4 5.86 32.00 48.97
C ASP C 4 5.81 33.43 48.44
N TYR C 5 6.80 33.77 47.62
CA TYR C 5 6.89 35.13 47.10
C TYR C 5 5.84 35.41 46.03
N PHE C 6 5.25 34.38 45.45
CA PHE C 6 4.30 34.59 44.37
C PHE C 6 2.91 34.93 44.90
N LYS C 7 2.43 34.18 45.89
CA LYS C 7 1.18 34.57 46.54
C LYS C 7 1.34 35.90 47.27
N GLN C 8 2.55 36.21 47.76
CA GLN C 8 2.81 37.46 48.45
C GLN C 8 2.68 38.68 47.54
N SER C 9 2.73 38.48 46.22
CA SER C 9 2.79 39.59 45.28
C SER C 9 1.42 40.13 44.89
N PHE C 10 0.36 39.68 45.55
CA PHE C 10 -0.97 40.10 45.14
C PHE C 10 -1.64 40.91 46.25
N PRO C 11 -2.62 41.76 45.91
CA PRO C 11 -3.27 41.98 44.60
C PRO C 11 -2.48 42.71 43.50
N GLU C 12 -1.28 43.21 43.78
CA GLU C 12 -0.58 44.04 42.79
C GLU C 12 -0.17 43.22 41.56
N GLY C 13 0.37 42.02 41.79
CA GLY C 13 0.73 41.10 40.73
C GLY C 13 2.21 40.83 40.71
N TYR C 14 2.66 40.28 39.58
CA TYR C 14 4.08 40.03 39.35
C TYR C 14 4.28 39.70 37.89
N SER C 15 5.55 39.58 37.50
CA SER C 15 5.93 39.29 36.12
C SER C 15 7.03 38.23 36.13
N TRP C 16 7.18 37.55 35.00
CA TRP C 16 8.37 36.73 34.81
C TRP C 16 8.82 36.82 33.36
N GLU C 17 10.10 36.60 33.14
CA GLU C 17 10.68 36.44 31.82
C GLU C 17 11.48 35.16 31.82
N ARG C 18 11.44 34.45 30.69
CA ARG C 18 11.98 33.10 30.65
C ARG C 18 12.68 32.86 29.31
N SER C 19 13.82 32.17 29.36
CA SER C 19 14.50 31.71 28.16
C SER C 19 14.47 30.19 28.14
N MET C 20 14.31 29.63 26.95
CA MET C 20 14.20 28.20 26.76
C MET C 20 15.13 27.80 25.62
N THR C 21 16.23 27.14 25.96
CA THR C 21 17.29 26.81 25.01
C THR C 21 17.25 25.31 24.73
N TYR C 22 16.94 24.95 23.50
CA TYR C 22 16.81 23.55 23.12
C TYR C 22 18.11 23.04 22.52
N GLU C 23 18.34 21.74 22.66
CA GLU C 23 19.63 21.14 22.34
C GLU C 23 19.99 21.23 20.86
N ASP C 24 19.03 21.52 19.98
CA ASP C 24 19.30 21.61 18.56
C ASP C 24 19.33 23.05 18.06
N GLY C 25 19.45 24.02 18.95
CA GLY C 25 19.59 25.41 18.57
C GLY C 25 18.32 26.21 18.60
N GLY C 26 17.16 25.56 18.65
CA GLY C 26 15.91 26.27 18.81
C GLY C 26 15.89 27.03 20.12
N ILE C 27 15.51 28.30 20.08
CA ILE C 27 15.50 29.16 21.25
C ILE C 27 14.12 29.78 21.36
N CYS C 28 13.61 29.86 22.58
CA CYS C 28 12.34 30.52 22.84
C CYS C 28 12.51 31.49 23.99
N ILE C 29 11.86 32.65 23.87
CA ILE C 29 11.81 33.66 24.91
C ILE C 29 10.34 33.99 25.16
N ALA C 30 9.96 34.11 26.43
CA ALA C 30 8.59 34.43 26.77
C ALA C 30 8.57 35.32 28.00
N THR C 31 7.60 36.22 28.04
CA THR C 31 7.30 37.02 29.21
C THR C 31 5.84 36.85 29.58
N ASN C 32 5.52 37.12 30.84
CA ASN C 32 4.15 37.09 31.32
C ASN C 32 3.98 38.19 32.36
N ASP C 33 2.96 39.02 32.19
CA ASP C 33 2.57 40.00 33.18
C ASP C 33 1.26 39.54 33.81
N ILE C 34 1.32 39.20 35.10
CA ILE C 34 0.21 38.55 35.79
C ILE C 34 -0.39 39.54 36.77
N THR C 35 -1.69 39.76 36.66
CA THR C 35 -2.43 40.60 37.58
C THR C 35 -3.65 39.84 38.07
N MET C 36 -4.57 40.57 38.71
CA MET C 36 -5.66 39.94 39.43
C MET C 36 -6.85 40.87 39.50
N GLU C 37 -7.98 40.45 38.94
CA GLU C 37 -9.25 41.16 39.02
C GLU C 37 -10.26 40.26 39.74
N GLY C 38 -10.53 40.57 41.00
CA GLY C 38 -11.51 39.83 41.77
C GLY C 38 -11.16 38.39 42.03
N ASP C 39 -11.79 37.47 41.31
CA ASP C 39 -11.59 36.04 41.49
C ASP C 39 -10.63 35.46 40.47
N SER C 40 -9.99 36.29 39.65
CA SER C 40 -9.31 35.82 38.46
C SER C 40 -7.89 36.36 38.41
N PHE C 41 -6.96 35.50 37.97
CA PHE C 41 -5.65 35.94 37.55
C PHE C 41 -5.70 36.22 36.05
N ILE C 42 -5.02 37.28 35.63
CA ILE C 42 -4.97 37.68 34.23
C ILE C 42 -3.51 37.58 33.77
N ASN C 43 -3.29 36.85 32.69
CA ASN C 43 -1.95 36.60 32.16
C ASN C 43 -1.85 37.20 30.76
N LYS C 44 -0.93 38.14 30.58
CA LYS C 44 -0.61 38.68 29.26
C LYS C 44 0.76 38.14 28.86
N ILE C 45 0.77 37.21 27.90
CA ILE C 45 1.95 36.43 27.58
C ILE C 45 2.42 36.78 26.17
N HIS C 46 3.73 36.97 26.03
CA HIS C 46 4.39 37.12 24.75
C HIS C 46 5.38 35.98 24.59
N PHE C 47 5.45 35.43 23.39
CA PHE C 47 6.21 34.21 23.13
C PHE C 47 6.87 34.35 21.77
N LYS C 48 8.20 34.23 21.74
CA LYS C 48 8.93 34.24 20.48
C LYS C 48 9.90 33.08 20.47
N GLY C 49 10.02 32.42 19.32
CA GLY C 49 10.91 31.29 19.14
C GLY C 49 11.54 31.26 17.75
N THR C 50 12.82 30.94 17.66
CA THR C 50 13.52 30.97 16.38
C THR C 50 14.50 29.81 16.30
N ASN C 51 15.00 29.60 15.08
CA ASN C 51 16.11 28.68 14.80
C ASN C 51 15.73 27.23 15.07
N PHE C 52 14.47 26.89 14.92
CA PHE C 52 14.07 25.50 15.00
C PHE C 52 14.30 24.82 13.66
N PRO C 53 15.06 23.74 13.61
CA PRO C 53 15.36 23.08 12.33
C PRO C 53 14.09 22.60 11.64
N PRO C 54 14.03 22.70 10.32
CA PRO C 54 12.80 22.31 9.61
C PRO C 54 12.40 20.88 9.86
N ASN C 55 13.36 19.97 10.01
CA ASN C 55 13.10 18.55 10.17
C ASN C 55 13.27 18.09 11.61
N GLY C 56 13.43 19.01 12.55
CA GLY C 56 13.55 18.66 13.95
C GLY C 56 12.20 18.35 14.56
N PRO C 57 12.23 17.92 15.83
CA PRO C 57 10.99 17.42 16.45
C PRO C 57 9.92 18.49 16.66
N VAL C 58 10.29 19.77 16.75
CA VAL C 58 9.30 20.82 17.00
C VAL C 58 8.51 21.13 15.74
N MET C 59 9.21 21.33 14.61
CA MET C 59 8.52 21.63 13.36
C MET C 59 7.81 20.42 12.77
N GLN C 60 8.24 19.21 13.11
CA GLN C 60 7.58 18.00 12.62
C GLN C 60 6.60 17.42 13.63
N LYS C 61 6.40 18.09 14.77
CA LYS C 61 5.42 17.68 15.79
C LYS C 61 5.63 16.22 16.21
N ARG C 62 6.85 15.91 16.64
CA ARG C 62 7.19 14.57 17.09
C ARG C 62 7.38 14.51 18.60
N THR C 63 6.76 15.44 19.32
CA THR C 63 6.87 15.50 20.77
C THR C 63 5.63 14.91 21.42
N VAL C 64 5.80 14.39 22.64
CA VAL C 64 4.70 13.80 23.39
C VAL C 64 4.84 14.11 24.88
N GLY C 65 5.00 15.39 25.22
CA GLY C 65 4.86 15.80 26.59
C GLY C 65 6.19 16.10 27.28
N TRP C 66 6.09 16.90 28.34
CA TRP C 66 7.22 17.26 29.19
C TRP C 66 7.32 16.27 30.34
N GLU C 67 8.52 15.76 30.58
CA GLU C 67 8.73 14.88 31.71
C GLU C 67 8.66 15.67 33.01
N ALA C 68 8.33 14.97 34.10
CA ALA C 68 8.35 15.58 35.42
C ALA C 68 9.70 16.24 35.66
N SER C 69 9.67 17.48 36.17
CA SER C 69 10.87 18.28 36.32
C SER C 69 10.95 18.80 37.74
N THR C 70 12.13 19.35 38.06
CA THR C 70 12.43 19.93 39.36
C THR C 70 13.10 21.28 39.14
N GLU C 71 12.41 22.36 39.48
CA GLU C 71 12.91 23.71 39.27
C GLU C 71 13.54 24.21 40.56
N LYS C 72 14.77 24.74 40.44
CA LYS C 72 15.54 25.20 41.60
C LYS C 72 15.31 26.70 41.75
N MET C 73 14.65 27.09 42.84
CA MET C 73 14.31 28.49 43.13
C MET C 73 15.40 29.07 44.02
N TYR C 74 16.02 30.16 43.57
CA TYR C 74 17.15 30.72 44.31
C TYR C 74 17.20 32.22 44.08
N GLU C 75 18.03 32.88 44.89
CA GLU C 75 18.19 34.33 44.83
C GLU C 75 19.59 34.66 44.35
N ARG C 76 19.67 35.57 43.37
CA ARG C 76 20.94 36.07 42.86
C ARG C 76 20.82 37.58 42.72
N ASP C 77 21.64 38.32 43.48
CA ASP C 77 21.59 39.79 43.52
C ASP C 77 20.20 40.29 43.90
N GLY C 78 19.59 39.64 44.90
CA GLY C 78 18.25 40.02 45.29
C GLY C 78 17.20 39.84 44.21
N VAL C 79 17.45 39.00 43.22
CA VAL C 79 16.48 38.67 42.18
C VAL C 79 16.10 37.21 42.32
N LEU C 80 14.80 36.93 42.31
CA LEU C 80 14.30 35.57 42.41
C LEU C 80 14.41 34.87 41.07
N LYS C 81 15.10 33.73 41.05
CA LYS C 81 15.43 33.03 39.82
C LYS C 81 14.96 31.59 39.89
N GLY C 82 14.77 31.00 38.71
CA GLY C 82 14.40 29.61 38.60
C GLY C 82 15.11 28.94 37.45
N ASP C 83 15.82 27.85 37.74
CA ASP C 83 16.51 27.05 36.73
C ASP C 83 15.95 25.64 36.77
N VAL C 84 15.71 25.05 35.60
CA VAL C 84 15.22 23.67 35.52
C VAL C 84 15.65 23.06 34.19
N LYS C 85 16.23 21.87 34.28
CA LYS C 85 16.54 21.08 33.10
C LYS C 85 15.27 20.35 32.66
N MET C 86 14.82 20.60 31.43
CA MET C 86 13.57 20.03 30.96
C MET C 86 13.85 19.02 29.86
N LYS C 87 12.96 18.03 29.75
CA LYS C 87 13.08 17.00 28.72
C LYS C 87 11.73 16.79 28.06
N LEU C 88 11.72 16.87 26.74
CA LEU C 88 10.54 16.63 25.93
C LEU C 88 10.60 15.19 25.42
N LEU C 89 9.62 14.38 25.82
CA LEU C 89 9.54 13.03 25.28
C LEU C 89 9.25 13.08 23.79
N LEU C 90 9.95 12.27 23.02
CA LEU C 90 9.76 12.21 21.58
C LEU C 90 8.96 10.97 21.22
N LYS C 91 8.29 11.02 20.06
CA LYS C 91 7.43 9.94 19.62
C LYS C 91 8.16 8.61 19.60
N GLY C 92 9.40 8.59 19.11
CA GLY C 92 10.14 7.36 18.96
C GLY C 92 10.79 6.83 20.21
N GLY C 93 10.56 7.46 21.36
CA GLY C 93 11.13 7.04 22.62
C GLY C 93 12.22 7.95 23.14
N GLY C 94 12.89 8.71 22.26
CA GLY C 94 13.98 9.55 22.68
C GLY C 94 13.53 10.72 23.54
N HIS C 95 14.50 11.55 23.91
CA HIS C 95 14.25 12.76 24.68
C HIS C 95 14.93 13.95 24.01
N TYR C 96 14.30 15.12 24.19
CA TYR C 96 14.70 16.36 23.54
C TYR C 96 14.92 17.37 24.67
N ARG C 97 16.16 17.78 24.87
CA ARG C 97 16.54 18.53 26.06
C ARG C 97 16.30 20.02 25.86
N CYS C 98 15.84 20.67 26.93
CA CYS C 98 15.62 22.11 26.91
C CYS C 98 16.04 22.71 28.24
N ASP C 99 16.78 23.82 28.18
CA ASP C 99 17.29 24.53 29.34
C ASP C 99 16.41 25.73 29.63
N TYR C 100 15.86 25.79 30.84
CA TYR C 100 14.99 26.86 31.26
C TYR C 100 15.70 27.78 32.25
N ARG C 101 15.65 29.08 32.00
CA ARG C 101 16.10 30.09 32.96
C ARG C 101 14.99 31.13 33.08
N THR C 102 14.45 31.28 34.29
CA THR C 102 13.35 32.21 34.50
C THR C 102 13.70 33.21 35.60
N THR C 103 13.38 34.47 35.35
CA THR C 103 13.50 35.54 36.33
C THR C 103 12.10 35.92 36.80
N TYR C 104 11.84 35.73 38.09
CA TYR C 104 10.52 35.96 38.68
C TYR C 104 10.54 37.32 39.39
N LYS C 105 10.06 38.35 38.69
CA LYS C 105 10.01 39.71 39.22
C LYS C 105 8.77 39.86 40.11
N VAL C 106 8.81 39.20 41.27
CA VAL C 106 7.77 39.35 42.29
C VAL C 106 7.90 40.76 42.86
N LYS C 107 6.84 41.25 43.50
CA LYS C 107 6.86 42.64 43.97
C LYS C 107 7.85 42.85 45.11
N GLN C 108 8.18 41.80 45.88
CA GLN C 108 9.29 41.88 46.82
C GLN C 108 10.54 42.26 46.05
N LYS C 109 10.99 43.51 46.18
CA LYS C 109 12.02 43.99 45.27
C LYS C 109 13.41 43.42 45.64
N PRO C 110 13.86 43.49 46.92
CA PRO C 110 14.97 42.59 47.32
C PRO C 110 14.52 41.27 47.95
N VAL C 111 15.48 40.42 48.33
CA VAL C 111 15.22 39.14 48.95
C VAL C 111 14.89 39.29 50.44
N TYR C 116 18.08 28.13 49.22
CA TYR C 116 17.24 27.86 48.05
C TYR C 116 16.30 26.68 48.27
N HIS C 117 15.25 26.60 47.45
CA HIS C 117 14.27 25.52 47.54
C HIS C 117 13.96 25.01 46.14
N PHE C 118 13.06 24.02 46.07
CA PHE C 118 12.76 23.30 44.85
C PHE C 118 11.26 23.40 44.54
N VAL C 119 10.92 23.26 43.25
CA VAL C 119 9.54 23.14 42.81
C VAL C 119 9.48 21.98 41.84
N ASP C 120 8.74 20.93 42.20
CA ASP C 120 8.60 19.75 41.35
C ASP C 120 7.33 19.88 40.51
N HIS C 121 7.49 19.78 39.20
CA HIS C 121 6.40 20.04 38.26
C HIS C 121 5.91 18.74 37.62
N ARG C 122 4.61 18.71 37.36
CA ARG C 122 4.02 17.80 36.38
C ARG C 122 3.09 18.62 35.51
N ILE C 123 3.28 18.55 34.20
CA ILE C 123 2.45 19.28 33.24
C ILE C 123 2.08 18.33 32.11
N GLU C 124 0.80 18.33 31.75
CA GLU C 124 0.27 17.32 30.83
C GLU C 124 -0.93 17.88 30.07
N ILE C 125 -0.94 17.67 28.76
CA ILE C 125 -2.09 17.97 27.92
C ILE C 125 -3.13 16.87 28.13
N LEU C 126 -4.26 17.21 28.77
CA LEU C 126 -5.30 16.22 29.03
C LEU C 126 -6.14 15.94 27.79
N SER C 127 -6.44 16.96 27.00
CA SER C 127 -7.28 16.83 25.83
C SER C 127 -6.74 17.71 24.73
N HIS C 128 -7.05 17.36 23.49
CA HIS C 128 -6.77 18.25 22.37
C HIS C 128 -7.47 17.71 21.13
N ASP C 129 -7.82 18.62 20.23
CA ASP C 129 -8.38 18.22 18.95
C ASP C 129 -7.27 18.05 17.92
N LYS C 130 -7.68 17.80 16.67
CA LYS C 130 -6.77 17.34 15.62
C LYS C 130 -5.52 18.21 15.53
N ASP C 131 -5.69 19.51 15.32
CA ASP C 131 -4.59 20.45 15.12
C ASP C 131 -4.27 21.26 16.37
N TYR C 132 -4.73 20.81 17.54
CA TYR C 132 -4.52 21.51 18.81
C TYR C 132 -5.10 22.92 18.80
N ASN C 133 -6.20 23.11 18.06
CA ASN C 133 -6.93 24.38 18.14
C ASN C 133 -7.63 24.52 19.48
N LYS C 134 -7.99 23.41 20.10
CA LYS C 134 -8.56 23.39 21.44
C LYS C 134 -7.76 22.42 22.28
N VAL C 135 -7.24 22.89 23.40
CA VAL C 135 -6.37 22.11 24.27
C VAL C 135 -6.82 22.29 25.70
N LYS C 136 -6.85 21.19 26.46
CA LYS C 136 -7.02 21.23 27.90
C LYS C 136 -5.67 20.90 28.53
N LEU C 137 -5.14 21.84 29.31
CA LEU C 137 -3.84 21.67 29.93
C LEU C 137 -4.01 21.55 31.43
N TYR C 138 -3.07 20.84 32.07
CA TYR C 138 -3.10 20.58 33.50
C TYR C 138 -1.69 20.73 34.06
N GLU C 139 -1.60 21.24 35.29
CA GLU C 139 -0.31 21.37 35.96
C GLU C 139 -0.44 21.04 37.44
N HIS C 140 0.60 20.38 37.95
CA HIS C 140 0.75 20.08 39.36
C HIS C 140 2.13 20.55 39.79
N ALA C 141 2.18 21.36 40.84
CA ALA C 141 3.45 21.91 41.29
C ALA C 141 3.44 22.07 42.80
N VAL C 142 4.45 21.50 43.45
CA VAL C 142 4.58 21.54 44.91
C VAL C 142 6.02 21.87 45.25
N ALA C 143 6.21 22.80 46.19
CA ALA C 143 7.53 23.21 46.62
C ALA C 143 8.00 22.39 47.82
N ARG C 144 9.32 22.27 47.96
CA ARG C 144 9.95 21.54 49.06
C ARG C 144 11.35 22.10 49.27
N ASN C 145 11.94 21.78 50.41
CA ASN C 145 13.24 22.33 50.77
C ASN C 145 14.39 21.51 50.17
N SER C 146 15.60 22.04 50.32
CA SER C 146 16.81 21.40 49.80
C SER C 146 17.00 20.00 50.35
N SER C 171 -5.37 35.83 52.80
CA SER C 171 -6.83 35.77 52.69
C SER C 171 -7.29 36.72 51.59
N VAL C 172 -6.32 37.32 50.91
CA VAL C 172 -6.67 37.99 49.65
C VAL C 172 -6.84 36.94 48.57
N ILE C 173 -6.04 35.88 48.61
CA ILE C 173 -6.04 34.82 47.61
C ILE C 173 -6.74 33.61 48.21
N LYS C 174 -7.76 33.13 47.51
CA LYS C 174 -8.75 32.21 48.04
C LYS C 174 -8.55 30.78 47.53
N PRO C 175 -9.20 29.78 48.16
CA PRO C 175 -8.92 28.38 47.78
C PRO C 175 -9.21 28.02 46.33
N ASP C 176 -10.20 28.66 45.71
CA ASP C 176 -10.49 28.44 44.30
C ASP C 176 -10.38 29.76 43.56
N MET C 177 -9.67 29.73 42.43
CA MET C 177 -9.40 30.93 41.65
C MET C 177 -9.50 30.62 40.17
N LYS C 178 -9.96 31.61 39.41
CA LYS C 178 -9.92 31.51 37.95
C LYS C 178 -8.56 31.97 37.44
N ASN C 179 -8.26 31.58 36.21
CA ASN C 179 -6.99 31.93 35.58
C ASN C 179 -7.23 32.16 34.10
N LYS C 180 -7.15 33.42 33.68
CA LYS C 180 -7.34 33.81 32.30
C LYS C 180 -6.00 34.17 31.68
N LEU C 181 -5.88 33.93 30.37
CA LEU C 181 -4.64 34.31 29.70
C LEU C 181 -4.90 34.64 28.24
N ARG C 182 -3.99 35.43 27.69
CA ARG C 182 -3.87 35.72 26.27
C ARG C 182 -2.40 35.59 25.92
N MET C 183 -2.12 34.95 24.78
CA MET C 183 -0.74 34.78 24.34
C MET C 183 -0.61 35.28 22.92
N GLU C 184 0.30 36.24 22.72
CA GLU C 184 0.72 36.64 21.39
C GLU C 184 2.06 35.97 21.12
N GLY C 185 2.14 35.23 20.01
CA GLY C 185 3.30 34.39 19.78
C GLY C 185 3.75 34.44 18.33
N ASN C 186 5.04 34.16 18.16
CA ASN C 186 5.62 34.00 16.83
C ASN C 186 6.73 32.99 16.94
N VAL C 187 6.61 31.89 16.19
CA VAL C 187 7.59 30.80 16.21
C VAL C 187 8.00 30.52 14.76
N ASN C 188 9.31 30.59 14.50
CA ASN C 188 9.87 30.38 13.16
C ASN C 188 9.14 31.19 12.10
N GLY C 189 8.73 32.41 12.48
CA GLY C 189 8.07 33.33 11.58
C GLY C 189 6.57 33.20 11.47
N HIS C 190 5.96 32.22 12.16
CA HIS C 190 4.51 32.01 12.12
C HIS C 190 3.90 32.72 13.32
N ALA C 191 3.10 33.75 13.06
CA ALA C 191 2.42 34.47 14.11
C ALA C 191 1.12 33.77 14.49
N PHE C 192 0.70 33.95 15.73
CA PHE C 192 -0.48 33.28 16.25
C PHE C 192 -0.88 33.92 17.57
N VAL C 193 -2.15 33.76 17.92
CA VAL C 193 -2.70 34.27 19.16
C VAL C 193 -3.49 33.14 19.82
N ILE C 194 -3.26 32.94 21.12
CA ILE C 194 -3.98 31.90 21.86
C ILE C 194 -4.59 32.53 23.11
N GLU C 195 -5.87 32.25 23.34
CA GLU C 195 -6.57 32.66 24.56
C GLU C 195 -6.91 31.42 25.37
N GLY C 196 -7.14 31.64 26.66
CA GLY C 196 -7.44 30.54 27.55
C GLY C 196 -8.12 30.94 28.84
N GLU C 197 -9.12 30.16 29.25
CA GLU C 197 -9.83 30.37 30.51
C GLU C 197 -9.72 29.09 31.33
N GLY C 198 -9.33 29.23 32.60
CA GLY C 198 -9.17 28.07 33.45
C GLY C 198 -9.44 28.32 34.91
N SER C 199 -9.04 27.37 35.75
CA SER C 199 -9.32 27.44 37.18
C SER C 199 -8.30 26.57 37.90
N GLY C 200 -8.18 26.79 39.20
CA GLY C 200 -7.23 26.00 39.96
C GLY C 200 -7.37 26.25 41.44
N LYS C 201 -6.61 25.48 42.21
CA LYS C 201 -6.52 25.63 43.66
C LYS C 201 -5.11 26.09 44.01
N PRO C 202 -4.90 27.38 44.25
CA PRO C 202 -3.53 27.90 44.44
C PRO C 202 -2.76 27.22 45.55
N PHE C 203 -3.42 26.94 46.67
CA PHE C 203 -2.70 26.40 47.82
C PHE C 203 -2.41 24.91 47.67
N GLU C 204 -3.10 24.22 46.76
CA GLU C 204 -2.80 22.82 46.44
C GLU C 204 -1.91 22.67 45.20
N GLY C 205 -1.61 23.76 44.50
CA GLY C 205 -0.73 23.69 43.35
C GLY C 205 -1.27 22.91 42.17
N ILE C 206 -2.58 22.97 41.94
CA ILE C 206 -3.21 22.28 40.81
C ILE C 206 -4.05 23.29 40.04
N GLN C 207 -4.12 23.11 38.72
CA GLN C 207 -4.87 24.01 37.88
C GLN C 207 -5.12 23.35 36.53
N THR C 208 -6.22 23.74 35.89
CA THR C 208 -6.51 23.37 34.52
C THR C 208 -6.82 24.63 33.74
N ILE C 209 -6.69 24.54 32.42
CA ILE C 209 -7.04 25.64 31.53
C ILE C 209 -7.42 25.07 30.18
N ASP C 210 -8.43 25.66 29.56
CA ASP C 210 -8.84 25.32 28.21
C ASP C 210 -8.38 26.42 27.26
N LEU C 211 -7.60 26.05 26.26
CA LEU C 211 -6.93 26.98 25.37
C LEU C 211 -7.52 26.90 23.97
N GLU C 212 -7.59 28.04 23.30
CA GLU C 212 -8.11 28.11 21.94
C GLU C 212 -7.21 28.99 21.10
N VAL C 213 -6.83 28.49 19.93
CA VAL C 213 -6.06 29.27 18.97
C VAL C 213 -7.02 30.21 18.25
N LYS C 214 -6.84 31.51 18.44
CA LYS C 214 -7.71 32.49 17.79
C LYS C 214 -7.16 32.96 16.45
N GLU C 215 -5.85 32.98 16.28
CA GLU C 215 -5.21 33.39 15.05
C GLU C 215 -4.04 32.45 14.77
N GLY C 216 -3.78 32.22 13.49
CA GLY C 216 -2.64 31.42 13.09
C GLY C 216 -2.86 29.94 13.06
N ALA C 217 -4.11 29.49 13.14
CA ALA C 217 -4.41 28.07 12.99
C ALA C 217 -4.24 27.67 11.53
N PRO C 218 -3.76 26.44 11.25
CA PRO C 218 -3.30 25.46 12.24
C PRO C 218 -1.85 25.69 12.63
N LEU C 219 -1.54 25.53 13.91
CA LEU C 219 -0.18 25.73 14.36
C LEU C 219 0.75 24.73 13.66
N PRO C 220 1.79 25.19 12.98
CA PRO C 220 2.71 24.27 12.29
C PRO C 220 3.83 23.72 13.14
N PHE C 221 3.75 23.84 14.47
CA PHE C 221 4.83 23.44 15.36
C PHE C 221 4.26 22.75 16.59
N ALA C 222 5.12 21.97 17.24
CA ALA C 222 4.73 21.24 18.45
C ALA C 222 4.14 22.16 19.50
N TYR C 223 2.88 21.90 19.86
CA TYR C 223 2.21 22.68 20.90
C TYR C 223 2.96 22.62 22.23
N ASP C 224 3.72 21.56 22.48
CA ASP C 224 4.36 21.36 23.78
C ASP C 224 5.28 22.52 24.14
N ILE C 225 5.88 23.20 23.17
CA ILE C 225 6.80 24.29 23.50
C ILE C 225 6.07 25.46 24.15
N LEU C 226 4.75 25.57 23.98
CA LEU C 226 4.01 26.69 24.53
C LEU C 226 3.44 26.44 25.92
N THR C 227 3.36 25.18 26.35
CA THR C 227 2.49 24.86 27.48
C THR C 227 3.04 25.42 28.79
N THR C 228 4.36 25.41 28.96
CA THR C 228 4.95 25.97 30.18
C THR C 228 4.83 27.48 30.25
N ALA C 229 4.64 28.16 29.11
CA ALA C 229 4.31 29.58 29.18
C ALA C 229 2.89 29.80 29.67
N PHE C 230 1.96 28.92 29.29
CA PHE C 230 0.58 28.96 29.79
C PHE C 230 0.53 28.60 31.27
N ASN C 232 2.28 30.37 35.81
CA ASN C 232 1.89 31.23 36.92
C ASN C 232 2.14 30.51 38.23
N ARG C 233 3.30 30.79 38.84
CA ARG C 233 3.72 30.05 40.04
C ARG C 233 2.91 30.35 41.23
N VAL C 234 1.83 31.12 41.12
CA VAL C 234 0.94 31.24 42.26
C VAL C 234 0.16 29.96 42.46
N PHE C 235 0.10 29.10 41.43
CA PHE C 235 -0.46 27.77 41.61
C PHE C 235 0.64 26.77 41.98
N THR C 236 1.15 26.92 43.22
CA THR C 236 2.18 26.03 43.76
C THR C 236 1.84 25.70 45.21
N LYS C 237 1.97 24.44 45.60
CA LYS C 237 1.71 24.01 46.98
C LYS C 237 2.94 24.31 47.82
N TYR C 238 2.90 25.44 48.52
CA TYR C 238 3.92 25.81 49.51
C TYR C 238 3.44 25.43 50.90
N PRO C 239 4.32 24.94 51.78
CA PRO C 239 3.91 24.62 53.17
C PRO C 239 3.55 25.87 53.96
N ILE D 2 19.49 -19.14 -20.63
CA ILE D 2 18.54 -18.48 -19.73
C ILE D 2 17.99 -17.22 -20.39
N PRO D 3 16.67 -17.15 -20.53
CA PRO D 3 16.05 -15.98 -21.15
C PRO D 3 15.99 -14.79 -20.19
N ASP D 4 16.35 -13.62 -20.72
CA ASP D 4 16.36 -12.38 -19.95
C ASP D 4 15.06 -11.63 -20.25
N TYR D 5 14.02 -11.93 -19.49
CA TYR D 5 12.74 -11.27 -19.73
C TYR D 5 12.72 -9.82 -19.28
N PHE D 6 13.68 -9.42 -18.44
CA PHE D 6 13.70 -8.04 -17.98
C PHE D 6 14.22 -7.10 -19.06
N LYS D 7 15.35 -7.43 -19.67
CA LYS D 7 15.86 -6.61 -20.76
C LYS D 7 14.95 -6.66 -21.98
N GLN D 8 14.28 -7.79 -22.18
CA GLN D 8 13.34 -7.90 -23.30
C GLN D 8 12.10 -7.03 -23.13
N SER D 9 11.84 -6.51 -21.93
CA SER D 9 10.62 -5.76 -21.69
C SER D 9 10.69 -4.31 -22.16
N PHE D 10 11.79 -3.88 -22.76
CA PHE D 10 11.99 -2.47 -23.08
C PHE D 10 12.01 -2.25 -24.59
N PRO D 11 11.70 -1.04 -25.07
CA PRO D 11 11.44 0.21 -24.34
C PRO D 11 10.09 0.30 -23.57
N GLU D 12 9.18 -0.67 -23.69
CA GLU D 12 7.89 -0.52 -23.03
C GLU D 12 8.04 -0.39 -21.52
N GLY D 13 8.80 -1.29 -20.91
CA GLY D 13 8.99 -1.32 -19.47
C GLY D 13 8.34 -2.54 -18.84
N TYR D 14 8.34 -2.55 -17.51
CA TYR D 14 7.71 -3.62 -16.75
C TYR D 14 7.42 -3.12 -15.34
N SER D 15 6.80 -3.99 -14.54
CA SER D 15 6.47 -3.68 -13.15
C SER D 15 6.71 -4.92 -12.30
N TRP D 16 6.81 -4.72 -10.99
CA TRP D 16 6.82 -5.84 -10.06
C TRP D 16 6.08 -5.49 -8.78
N GLU D 17 5.65 -6.53 -8.07
CA GLU D 17 5.06 -6.43 -6.74
C GLU D 17 5.77 -7.42 -5.83
N ARG D 18 5.95 -7.03 -4.58
CA ARG D 18 6.81 -7.79 -3.68
C ARG D 18 6.24 -7.76 -2.27
N SER D 19 6.17 -8.93 -1.65
CA SER D 19 5.85 -9.04 -0.23
C SER D 19 7.12 -9.42 0.52
N MET D 20 7.28 -8.86 1.71
CA MET D 20 8.44 -9.10 2.55
C MET D 20 7.94 -9.40 3.95
N THR D 21 8.08 -10.65 4.37
CA THR D 21 7.50 -11.13 5.62
C THR D 21 8.63 -11.42 6.61
N TYR D 22 8.72 -10.58 7.64
CA TYR D 22 9.79 -10.70 8.62
C TYR D 22 9.35 -11.63 9.75
N GLU D 23 10.34 -12.27 10.39
CA GLU D 23 10.07 -13.34 11.34
C GLU D 23 9.34 -12.86 12.59
N ASP D 24 9.34 -11.56 12.88
CA ASP D 24 8.67 -11.04 14.06
C ASP D 24 7.33 -10.39 13.74
N GLY D 25 6.78 -10.64 12.56
CA GLY D 25 5.48 -10.15 12.19
C GLY D 25 5.48 -8.83 11.43
N GLY D 26 6.61 -8.15 11.34
CA GLY D 26 6.70 -7.00 10.46
C GLY D 26 6.50 -7.43 9.02
N ILE D 27 5.61 -6.75 8.31
CA ILE D 27 5.27 -7.05 6.93
C ILE D 27 5.50 -5.80 6.09
N CYS D 28 6.02 -5.99 4.90
CA CYS D 28 6.26 -4.90 3.97
C CYS D 28 5.77 -5.31 2.60
N ILE D 29 5.08 -4.41 1.92
CA ILE D 29 4.61 -4.63 0.55
C ILE D 29 5.06 -3.44 -0.29
N ALA D 30 5.58 -3.73 -1.48
CA ALA D 30 6.10 -2.69 -2.36
C ALA D 30 5.77 -3.00 -3.80
N THR D 31 5.66 -1.94 -4.61
CA THR D 31 5.47 -2.06 -6.05
C THR D 31 6.41 -1.11 -6.77
N ASN D 32 6.72 -1.42 -8.02
CA ASN D 32 7.57 -0.59 -8.85
C ASN D 32 7.11 -0.71 -10.29
N ASP D 33 6.86 0.42 -10.94
CA ASP D 33 6.53 0.51 -12.36
C ASP D 33 7.71 1.14 -13.08
N ILE D 34 8.40 0.35 -13.90
CA ILE D 34 9.69 0.75 -14.45
C ILE D 34 9.51 1.07 -15.92
N THR D 35 9.93 2.28 -16.31
CA THR D 35 9.84 2.75 -17.68
C THR D 35 11.22 3.19 -18.19
N MET D 36 11.23 3.70 -19.42
CA MET D 36 12.45 4.09 -20.11
C MET D 36 12.31 5.50 -20.64
N GLU D 37 13.28 6.37 -20.32
CA GLU D 37 13.35 7.72 -20.85
C GLU D 37 14.73 7.93 -21.46
N GLY D 38 14.85 7.62 -22.75
CA GLY D 38 16.11 7.75 -23.45
C GLY D 38 17.21 6.90 -22.87
N ASP D 39 18.09 7.53 -22.08
CA ASP D 39 19.24 6.85 -21.48
C ASP D 39 19.00 6.42 -20.04
N SER D 40 17.79 6.61 -19.51
CA SER D 40 17.51 6.40 -18.10
C SER D 40 16.33 5.47 -17.91
N PHE D 41 16.42 4.62 -16.88
CA PHE D 41 15.27 3.92 -16.34
C PHE D 41 14.63 4.79 -15.27
N ILE D 42 13.29 4.81 -15.27
CA ILE D 42 12.52 5.59 -14.30
C ILE D 42 11.73 4.62 -13.43
N ASN D 43 11.84 4.78 -12.12
CA ASN D 43 11.21 3.90 -11.13
C ASN D 43 10.25 4.74 -10.28
N LYS D 44 8.97 4.33 -10.26
CA LYS D 44 7.95 4.91 -9.39
C LYS D 44 7.59 3.85 -8.36
N ILE D 45 8.06 4.01 -7.12
CA ILE D 45 8.00 2.96 -6.10
C ILE D 45 7.04 3.38 -5.00
N HIS D 46 6.14 2.47 -4.63
CA HIS D 46 5.33 2.61 -3.44
C HIS D 46 5.75 1.53 -2.45
N PHE D 47 5.83 1.90 -1.17
CA PHE D 47 6.37 1.03 -0.13
C PHE D 47 5.56 1.24 1.13
N LYS D 48 4.93 0.17 1.62
CA LYS D 48 4.19 0.22 2.87
C LYS D 48 4.60 -0.95 3.76
N GLY D 49 4.78 -0.65 5.03
CA GLY D 49 5.15 -1.67 6.00
C GLY D 49 4.46 -1.41 7.32
N THR D 50 4.21 -2.49 8.06
CA THR D 50 3.41 -2.39 9.26
C THR D 50 3.75 -3.51 10.23
N ASN D 51 3.23 -3.37 11.45
CA ASN D 51 3.35 -4.37 12.51
C ASN D 51 4.80 -4.66 12.88
N PHE D 52 5.66 -3.66 12.78
CA PHE D 52 7.01 -3.83 13.29
C PHE D 52 7.03 -3.53 14.79
N PRO D 53 7.52 -4.44 15.62
CA PRO D 53 7.48 -4.23 17.06
C PRO D 53 8.29 -3.01 17.46
N PRO D 54 7.84 -2.27 18.47
CA PRO D 54 8.53 -1.02 18.84
C PRO D 54 9.97 -1.23 19.25
N ASN D 55 10.27 -2.36 19.87
CA ASN D 55 11.60 -2.66 20.38
C ASN D 55 12.36 -3.64 19.50
N GLY D 56 11.84 -3.96 18.31
CA GLY D 56 12.50 -4.86 17.39
C GLY D 56 13.59 -4.18 16.61
N PRO D 57 14.35 -4.99 15.86
CA PRO D 57 15.55 -4.46 15.19
C PRO D 57 15.27 -3.42 14.12
N VAL D 58 14.07 -3.36 13.56
CA VAL D 58 13.80 -2.38 12.51
C VAL D 58 13.54 -0.99 13.12
N MET D 59 12.69 -0.92 14.16
CA MET D 59 12.38 0.36 14.77
C MET D 59 13.53 0.89 15.62
N GLN D 60 14.41 0.02 16.10
CA GLN D 60 15.57 0.45 16.89
CA GLN D 60 15.58 0.45 16.88
C GLN D 60 16.83 0.57 16.04
N LYS D 61 16.74 0.35 14.72
CA LYS D 61 17.86 0.47 13.80
C LYS D 61 19.07 -0.34 14.25
N ARG D 62 18.86 -1.63 14.47
CA ARG D 62 19.93 -2.53 14.86
C ARG D 62 20.30 -3.50 13.75
N THR D 63 20.14 -3.08 12.50
CA THR D 63 20.47 -3.92 11.35
C THR D 63 21.78 -3.46 10.72
N VAL D 64 22.45 -4.41 10.07
CA VAL D 64 23.75 -4.13 9.45
C VAL D 64 23.83 -4.92 8.14
N GLY D 65 22.94 -4.60 7.21
CA GLY D 65 23.04 -5.06 5.84
C GLY D 65 22.35 -6.39 5.58
N TRP D 66 22.12 -6.65 4.30
CA TRP D 66 21.54 -7.90 3.83
C TRP D 66 22.66 -8.86 3.44
N GLU D 67 22.56 -10.11 3.92
CA GLU D 67 23.50 -11.13 3.51
C GLU D 67 23.25 -11.53 2.05
N ALA D 68 24.30 -12.08 1.42
CA ALA D 68 24.19 -12.54 0.05
C ALA D 68 23.05 -13.54 -0.08
N SER D 69 22.30 -13.43 -1.17
CA SER D 69 21.09 -14.22 -1.35
C SER D 69 21.06 -14.82 -2.75
N THR D 70 20.26 -15.88 -2.90
CA THR D 70 20.03 -16.49 -4.20
C THR D 70 18.53 -16.59 -4.43
N GLU D 71 18.05 -15.86 -5.43
CA GLU D 71 16.62 -15.74 -5.72
C GLU D 71 16.24 -16.76 -6.80
N LYS D 72 15.15 -17.48 -6.59
CA LYS D 72 14.68 -18.51 -7.50
C LYS D 72 13.70 -17.90 -8.50
N MET D 73 14.11 -17.84 -9.76
CA MET D 73 13.26 -17.35 -10.84
C MET D 73 12.50 -18.52 -11.46
N TYR D 74 11.17 -18.44 -11.48
CA TYR D 74 10.38 -19.56 -11.97
C TYR D 74 9.05 -19.05 -12.52
N GLU D 75 8.40 -19.91 -13.29
CA GLU D 75 7.13 -19.63 -13.94
C GLU D 75 6.01 -20.42 -13.27
N ARG D 76 4.87 -19.77 -13.04
CA ARG D 76 3.69 -20.40 -12.44
C ARG D 76 2.44 -19.80 -13.05
N ASP D 77 1.77 -20.54 -13.93
CA ASP D 77 0.63 -20.04 -14.70
C ASP D 77 1.06 -18.90 -15.63
N GLY D 78 2.27 -19.02 -16.18
CA GLY D 78 2.76 -18.04 -17.11
C GLY D 78 3.15 -16.70 -16.52
N VAL D 79 3.08 -16.51 -15.20
CA VAL D 79 3.64 -15.31 -14.60
C VAL D 79 5.03 -15.61 -14.07
N LEU D 80 5.94 -14.65 -14.27
CA LEU D 80 7.30 -14.76 -13.77
C LEU D 80 7.34 -14.34 -12.31
N LYS D 81 7.90 -15.20 -11.46
CA LYS D 81 7.90 -15.00 -10.02
C LYS D 81 9.30 -15.25 -9.47
N GLY D 82 9.55 -14.66 -8.30
CA GLY D 82 10.82 -14.80 -7.63
C GLY D 82 10.68 -14.96 -6.13
N ASP D 83 11.26 -16.03 -5.60
CA ASP D 83 11.28 -16.30 -4.17
C ASP D 83 12.72 -16.30 -3.69
N VAL D 84 12.97 -15.72 -2.52
CA VAL D 84 14.31 -15.72 -1.95
C VAL D 84 14.21 -15.59 -0.44
N LYS D 85 14.89 -16.48 0.27
CA LYS D 85 15.05 -16.34 1.71
C LYS D 85 16.13 -15.31 2.00
N MET D 86 15.81 -14.32 2.83
CA MET D 86 16.69 -13.20 3.08
C MET D 86 17.06 -13.15 4.55
N LYS D 87 18.26 -12.65 4.82
CA LYS D 87 18.76 -12.52 6.19
C LYS D 87 19.32 -11.12 6.39
N LEU D 88 18.86 -10.47 7.44
CA LEU D 88 19.33 -9.16 7.85
C LEU D 88 20.28 -9.34 9.03
N LEU D 89 21.57 -9.11 8.80
CA LEU D 89 22.53 -9.17 9.88
C LEU D 89 22.18 -8.13 10.93
N LEU D 90 22.28 -8.52 12.20
CA LEU D 90 21.98 -7.63 13.32
C LEU D 90 23.26 -7.14 13.98
N LYS D 91 23.18 -5.95 14.57
CA LYS D 91 24.34 -5.38 15.24
C LYS D 91 24.96 -6.35 16.24
N GLY D 92 24.15 -7.06 17.02
CA GLY D 92 24.67 -7.94 18.04
C GLY D 92 25.27 -9.24 17.55
N GLY D 93 25.23 -9.50 16.25
CA GLY D 93 25.73 -10.72 15.67
C GLY D 93 24.67 -11.63 15.09
N GLY D 94 23.42 -11.50 15.54
CA GLY D 94 22.37 -12.39 15.11
C GLY D 94 21.90 -12.13 13.68
N HIS D 95 20.91 -12.91 13.26
CA HIS D 95 20.27 -12.74 11.96
C HIS D 95 18.77 -12.57 12.11
N TYR D 96 18.18 -11.83 11.18
CA TYR D 96 16.77 -11.45 11.21
C TYR D 96 16.16 -11.87 9.89
N ARG D 97 15.29 -12.87 9.93
CA ARG D 97 14.78 -13.52 8.73
C ARG D 97 13.64 -12.75 8.08
N CYS D 98 13.60 -12.81 6.75
CA CYS D 98 12.53 -12.22 5.96
C CYS D 98 12.37 -12.99 4.65
N ASP D 99 11.15 -13.45 4.37
CA ASP D 99 10.87 -14.15 3.12
C ASP D 99 10.33 -13.18 2.08
N TYR D 100 10.92 -13.20 0.89
CA TYR D 100 10.54 -12.36 -0.23
C TYR D 100 9.73 -13.19 -1.22
N ARG D 101 8.62 -12.64 -1.71
CA ARG D 101 7.91 -13.22 -2.84
C ARG D 101 7.58 -12.08 -3.80
N THR D 102 8.13 -12.14 -5.00
CA THR D 102 8.00 -11.08 -5.98
C THR D 102 7.34 -11.60 -7.25
N THR D 103 6.46 -10.80 -7.80
CA THR D 103 5.81 -11.08 -9.08
C THR D 103 6.31 -10.08 -10.10
N TYR D 104 7.01 -10.59 -11.13
CA TYR D 104 7.65 -9.74 -12.13
C TYR D 104 6.76 -9.71 -13.37
N LYS D 105 5.98 -8.63 -13.52
CA LYS D 105 5.11 -8.48 -14.68
C LYS D 105 5.90 -7.91 -15.84
N VAL D 106 6.70 -8.78 -16.46
CA VAL D 106 7.45 -8.38 -17.62
C VAL D 106 6.50 -8.08 -18.78
N LYS D 107 7.07 -7.59 -19.89
CA LYS D 107 6.37 -7.38 -21.16
C LYS D 107 5.91 -8.71 -21.75
N GLN D 108 5.57 -9.66 -20.87
CA GLN D 108 5.32 -11.07 -21.19
C GLN D 108 6.52 -11.77 -21.82
N ASP D 115 13.67 -26.05 -15.36
CA ASP D 115 13.18 -24.96 -16.20
C ASP D 115 13.39 -23.60 -15.54
N TYR D 116 13.61 -23.61 -14.22
CA TYR D 116 13.81 -22.37 -13.47
C TYR D 116 15.30 -22.01 -13.47
N HIS D 117 15.61 -20.83 -12.93
CA HIS D 117 17.00 -20.39 -12.82
C HIS D 117 17.16 -19.52 -11.57
N PHE D 118 18.39 -19.11 -11.32
CA PHE D 118 18.77 -18.41 -10.09
C PHE D 118 19.31 -17.03 -10.41
N VAL D 119 19.25 -16.16 -9.41
CA VAL D 119 19.91 -14.85 -9.45
C VAL D 119 20.57 -14.65 -8.10
N ASP D 120 21.91 -14.62 -8.08
CA ASP D 120 22.66 -14.38 -6.87
C ASP D 120 22.81 -12.88 -6.66
N HIS D 121 22.52 -12.41 -5.44
CA HIS D 121 22.47 -11.00 -5.12
C HIS D 121 23.55 -10.64 -4.12
N ARG D 122 24.16 -9.47 -4.33
CA ARG D 122 24.95 -8.78 -3.33
C ARG D 122 24.46 -7.34 -3.29
N ILE D 123 24.04 -6.87 -2.11
CA ILE D 123 23.55 -5.51 -1.93
C ILE D 123 24.19 -4.92 -0.69
N GLU D 124 24.66 -3.67 -0.80
CA GLU D 124 25.44 -3.06 0.26
C GLU D 124 25.30 -1.54 0.22
N ILE D 125 25.09 -0.94 1.38
CA ILE D 125 25.12 0.51 1.53
C ILE D 125 26.60 0.93 1.58
N LEU D 126 27.07 1.61 0.53
CA LEU D 126 28.47 2.00 0.46
C LEU D 126 28.78 3.18 1.38
N SER D 127 27.91 4.19 1.40
CA SER D 127 28.06 5.30 2.32
C SER D 127 26.69 5.79 2.76
N HIS D 128 26.68 6.49 3.89
CA HIS D 128 25.48 7.14 4.40
C HIS D 128 25.89 8.18 5.42
N ASP D 129 24.99 9.11 5.69
CA ASP D 129 25.25 10.11 6.71
C ASP D 129 24.57 9.70 8.01
N LYS D 130 24.52 10.61 8.98
CA LYS D 130 24.08 10.29 10.34
C LYS D 130 22.73 9.59 10.36
N ASP D 131 21.71 10.25 9.82
CA ASP D 131 20.33 9.73 9.83
C ASP D 131 19.95 9.07 8.51
N TYR D 132 20.92 8.71 7.68
CA TYR D 132 20.68 8.08 6.38
C TYR D 132 19.83 8.97 5.47
N ASN D 133 19.93 10.28 5.64
CA ASN D 133 19.28 11.20 4.71
C ASN D 133 19.89 11.12 3.32
N LYS D 134 21.19 10.86 3.24
CA LYS D 134 21.88 10.60 1.98
C LYS D 134 22.53 9.23 2.05
N VAL D 135 22.25 8.38 1.07
CA VAL D 135 22.73 7.01 1.05
C VAL D 135 23.25 6.70 -0.35
N LYS D 136 24.41 6.02 -0.39
CA LYS D 136 24.92 5.44 -1.63
C LYS D 136 24.72 3.93 -1.56
N LEU D 137 23.94 3.40 -2.49
CA LEU D 137 23.59 1.99 -2.51
C LEU D 137 24.23 1.31 -3.72
N TYR D 138 24.59 0.04 -3.55
CA TYR D 138 25.26 -0.75 -4.58
C TYR D 138 24.63 -2.13 -4.63
N GLU D 139 24.49 -2.68 -5.85
CA GLU D 139 23.98 -4.04 -6.00
C GLU D 139 24.73 -4.76 -7.11
N HIS D 140 25.03 -6.02 -6.87
CA HIS D 140 25.60 -6.95 -7.84
C HIS D 140 24.64 -8.12 -8.00
N ALA D 141 24.28 -8.44 -9.23
CA ALA D 141 23.31 -9.51 -9.48
C ALA D 141 23.72 -10.28 -10.73
N VAL D 142 23.83 -11.60 -10.58
CA VAL D 142 24.24 -12.50 -11.65
C VAL D 142 23.28 -13.67 -11.71
N ALA D 143 22.87 -14.05 -12.92
CA ALA D 143 21.96 -15.16 -13.13
C ALA D 143 22.73 -16.42 -13.52
N ARG D 144 22.19 -17.57 -13.11
CA ARG D 144 22.87 -18.85 -13.33
C ARG D 144 21.82 -19.94 -13.53
N ASN D 145 22.28 -21.12 -13.93
CA ASN D 145 21.42 -22.24 -14.27
C ASN D 145 21.15 -23.14 -13.06
N SER D 146 20.38 -24.19 -13.30
CA SER D 146 20.22 -25.26 -12.33
C SER D 146 21.29 -26.32 -12.54
N ILE D 173 18.81 -1.18 -25.00
CA ILE D 173 19.51 -1.15 -23.72
C ILE D 173 21.02 -1.13 -23.92
N LYS D 174 21.66 -0.01 -23.56
CA LYS D 174 23.06 0.27 -23.81
C LYS D 174 23.94 -0.27 -22.68
N PRO D 175 25.25 -0.39 -22.92
CA PRO D 175 26.15 -0.91 -21.86
C PRO D 175 26.17 -0.07 -20.60
N ASP D 176 25.99 1.25 -20.71
CA ASP D 176 25.86 2.14 -19.57
C ASP D 176 24.50 2.82 -19.63
N MET D 177 23.77 2.81 -18.51
CA MET D 177 22.47 3.46 -18.46
C MET D 177 22.28 4.11 -17.10
N LYS D 178 21.52 5.19 -17.08
CA LYS D 178 21.17 5.83 -15.83
C LYS D 178 19.95 5.15 -15.21
N ASN D 179 19.74 5.40 -13.93
CA ASN D 179 18.63 4.81 -13.20
C ASN D 179 18.12 5.83 -12.18
N LYS D 180 16.93 6.36 -12.43
CA LYS D 180 16.30 7.31 -11.52
C LYS D 180 15.10 6.66 -10.85
N LEU D 181 14.82 7.10 -9.63
CA LEU D 181 13.69 6.54 -8.89
C LEU D 181 13.11 7.58 -7.95
N ARG D 182 11.86 7.35 -7.57
CA ARG D 182 11.18 8.06 -6.51
C ARG D 182 10.37 7.06 -5.73
N MET D 183 10.42 7.17 -4.41
CA MET D 183 9.74 6.23 -3.53
C MET D 183 8.84 6.99 -2.58
N GLU D 184 7.53 6.72 -2.64
CA GLU D 184 6.60 7.16 -1.63
C GLU D 184 6.34 6.01 -0.68
N GLY D 185 6.67 6.19 0.60
CA GLY D 185 6.61 5.12 1.55
C GLY D 185 5.88 5.50 2.82
N ASN D 186 5.48 4.47 3.56
CA ASN D 186 4.93 4.63 4.89
C ASN D 186 5.27 3.38 5.67
N VAL D 187 5.94 3.54 6.80
CA VAL D 187 6.37 2.41 7.64
C VAL D 187 5.96 2.70 9.08
N ASN D 188 5.13 1.83 9.64
CA ASN D 188 4.60 1.98 11.00
C ASN D 188 4.00 3.36 11.23
N GLY D 189 3.35 3.89 10.19
CA GLY D 189 2.65 5.15 10.27
C GLY D 189 3.46 6.38 9.93
N HIS D 190 4.77 6.24 9.71
CA HIS D 190 5.64 7.36 9.36
C HIS D 190 5.73 7.46 7.84
N ALA D 191 5.22 8.56 7.29
CA ALA D 191 5.27 8.81 5.86
C ALA D 191 6.61 9.42 5.47
N PHE D 192 7.03 9.14 4.24
CA PHE D 192 8.32 9.63 3.79
C PHE D 192 8.42 9.50 2.28
N VAL D 193 9.28 10.32 1.69
CA VAL D 193 9.54 10.31 0.26
C VAL D 193 11.05 10.27 0.06
N ILE D 194 11.51 9.38 -0.82
CA ILE D 194 12.92 9.26 -1.14
C ILE D 194 13.08 9.33 -2.65
N GLU D 195 14.03 10.12 -3.11
CA GLU D 195 14.40 10.20 -4.51
C GLU D 195 15.84 9.74 -4.68
N GLY D 196 16.17 9.35 -5.90
CA GLY D 196 17.50 8.85 -6.16
C GLY D 196 17.94 8.92 -7.61
N GLU D 197 19.22 9.21 -7.83
CA GLU D 197 19.82 9.25 -9.15
C GLU D 197 20.98 8.28 -9.18
N GLY D 198 21.04 7.45 -10.23
CA GLY D 198 22.02 6.39 -10.22
C GLY D 198 22.62 6.04 -11.57
N SER D 199 23.43 4.99 -11.58
CA SER D 199 24.16 4.56 -12.76
C SER D 199 24.20 3.04 -12.73
N GLY D 200 24.65 2.44 -13.82
CA GLY D 200 24.79 1.00 -13.84
C GLY D 200 25.09 0.51 -15.22
N LYS D 201 25.58 -0.73 -15.27
CA LYS D 201 25.86 -1.44 -16.52
C LYS D 201 24.98 -2.68 -16.56
N PRO D 202 23.88 -2.64 -17.30
CA PRO D 202 22.86 -3.71 -17.18
C PRO D 202 23.37 -5.09 -17.57
N PHE D 203 24.30 -5.18 -18.52
CA PHE D 203 24.75 -6.49 -18.98
C PHE D 203 25.75 -7.13 -18.05
N GLU D 204 26.35 -6.37 -17.13
CA GLU D 204 27.23 -6.92 -16.11
C GLU D 204 26.56 -7.00 -14.73
N GLY D 205 25.34 -6.48 -14.59
CA GLY D 205 24.60 -6.63 -13.35
C GLY D 205 25.14 -5.84 -12.18
N ILE D 206 25.69 -4.66 -12.42
CA ILE D 206 26.20 -3.80 -11.37
C ILE D 206 25.57 -2.43 -11.52
N GLN D 207 25.30 -1.77 -10.40
CA GLN D 207 24.67 -0.46 -10.42
C GLN D 207 24.88 0.22 -9.07
N THR D 208 24.85 1.55 -9.09
CA THR D 208 24.94 2.38 -7.91
CA THR D 208 24.87 2.32 -7.86
C THR D 208 23.84 3.44 -7.97
N ILE D 209 23.46 3.97 -6.81
CA ILE D 209 22.46 5.02 -6.79
C ILE D 209 22.66 5.83 -5.51
N ASP D 210 22.50 7.14 -5.64
CA ASP D 210 22.56 8.05 -4.49
C ASP D 210 21.15 8.46 -4.13
N LEU D 211 20.78 8.26 -2.87
CA LEU D 211 19.40 8.41 -2.43
C LEU D 211 19.30 9.57 -1.45
N GLU D 212 18.20 10.31 -1.56
CA GLU D 212 17.95 11.49 -0.74
C GLU D 212 16.55 11.39 -0.14
N VAL D 213 16.45 11.56 1.17
CA VAL D 213 15.16 11.64 1.85
C VAL D 213 14.62 13.05 1.64
N LYS D 214 13.53 13.19 0.87
CA LYS D 214 12.94 14.49 0.62
C LYS D 214 11.86 14.86 1.63
N GLU D 215 11.18 13.86 2.20
CA GLU D 215 10.13 14.07 3.19
C GLU D 215 10.24 12.98 4.23
N GLY D 216 9.91 13.33 5.48
CA GLY D 216 9.90 12.37 6.56
C GLY D 216 11.22 12.18 7.28
N ALA D 217 12.21 13.03 7.03
CA ALA D 217 13.47 12.94 7.76
C ALA D 217 13.28 13.43 9.20
N PRO D 218 13.96 12.81 10.18
CA PRO D 218 14.85 11.65 10.03
C PRO D 218 14.07 10.33 10.06
N LEU D 219 14.43 9.37 9.22
CA LEU D 219 13.72 8.10 9.18
C LEU D 219 13.84 7.40 10.52
N PRO D 220 12.74 7.04 11.18
CA PRO D 220 12.81 6.39 12.49
C PRO D 220 12.94 4.87 12.45
N PHE D 221 13.31 4.30 11.31
CA PHE D 221 13.38 2.85 11.14
C PHE D 221 14.63 2.51 10.35
N ALA D 222 15.02 1.23 10.40
CA ALA D 222 16.22 0.76 9.73
C ALA D 222 16.11 0.93 8.22
N TYR D 223 17.07 1.65 7.64
CA TYR D 223 17.07 1.90 6.20
C TYR D 223 17.17 0.61 5.38
N ASP D 224 17.65 -0.48 5.98
CA ASP D 224 17.91 -1.70 5.22
C ASP D 224 16.64 -2.28 4.61
N ILE D 225 15.48 -2.06 5.24
CA ILE D 225 14.24 -2.63 4.73
C ILE D 225 13.83 -2.02 3.40
N LEU D 226 14.40 -0.86 3.03
CA LEU D 226 14.04 -0.19 1.79
C LEU D 226 14.98 -0.49 0.63
N THR D 227 16.19 -0.98 0.92
CA THR D 227 17.23 -0.97 -0.11
C THR D 227 16.90 -1.91 -1.27
N THR D 228 16.33 -3.08 -0.97
CA THR D 228 15.97 -4.00 -2.03
C THR D 228 14.83 -3.46 -2.89
N ALA D 229 14.05 -2.52 -2.39
CA ALA D 229 13.01 -1.89 -3.22
C ALA D 229 13.63 -0.89 -4.20
N PHE D 230 14.80 -0.21 -4.12
CA PHE D 230 15.29 0.97 -4.84
C PHE D 230 15.75 0.59 -6.24
N ASN E 2 15.65 -3.27 -9.58
CA ASN E 2 15.37 -3.25 -11.01
C ASN E 2 16.21 -4.31 -11.70
N ARG E 3 15.60 -5.48 -11.95
CA ARG E 3 16.32 -6.63 -12.46
C ARG E 3 16.84 -6.45 -13.88
N VAL E 4 16.61 -5.28 -14.51
CA VAL E 4 17.31 -4.97 -15.74
C VAL E 4 18.83 -4.98 -15.51
N PHE E 5 19.27 -4.74 -14.27
CA PHE E 5 20.68 -4.81 -13.91
C PHE E 5 20.98 -6.19 -13.31
N THR E 6 21.02 -7.17 -14.22
CA THR E 6 21.37 -8.56 -13.91
C THR E 6 22.24 -9.06 -15.05
N LYS E 7 23.33 -9.76 -14.74
CA LYS E 7 24.19 -10.32 -15.77
C LYS E 7 23.70 -11.71 -16.14
N TYR E 8 22.94 -11.78 -17.22
CA TYR E 8 22.43 -12.94 -17.96
C TYR E 8 23.39 -13.29 -19.09
N PRO E 9 23.60 -14.58 -19.37
CA PRO E 9 24.41 -14.95 -20.54
C PRO E 9 23.73 -14.56 -21.86
N ILE F 2 -29.39 -33.40 -29.92
CA ILE F 2 -30.46 -33.21 -28.94
C ILE F 2 -31.52 -32.22 -29.44
N PRO F 3 -32.78 -32.62 -29.38
CA PRO F 3 -33.86 -31.73 -29.83
C PRO F 3 -34.07 -30.59 -28.86
N ASP F 4 -34.23 -29.39 -29.41
CA ASP F 4 -34.49 -28.17 -28.64
C ASP F 4 -35.99 -27.93 -28.67
N TYR F 5 -36.72 -28.62 -27.79
CA TYR F 5 -38.18 -28.51 -27.76
C TYR F 5 -38.66 -27.13 -27.39
N PHE F 6 -37.80 -26.28 -26.82
CA PHE F 6 -38.24 -24.98 -26.33
C PHE F 6 -38.26 -23.94 -27.45
N LYS F 7 -37.19 -23.87 -28.24
CA LYS F 7 -37.21 -23.01 -29.41
C LYS F 7 -38.18 -23.54 -30.46
N GLN F 8 -38.36 -24.87 -30.52
CA GLN F 8 -39.36 -25.46 -31.39
C GLN F 8 -40.77 -24.99 -31.05
N SER F 9 -40.98 -24.54 -29.83
CA SER F 9 -42.34 -24.22 -29.44
C SER F 9 -42.80 -22.87 -29.90
N PHE F 10 -42.05 -22.13 -30.75
CA PHE F 10 -42.44 -20.74 -31.04
C PHE F 10 -42.82 -20.56 -32.51
N PRO F 11 -43.75 -19.61 -32.83
CA PRO F 11 -44.34 -18.47 -32.12
C PRO F 11 -45.53 -18.67 -31.16
N GLU F 12 -46.14 -19.86 -31.13
CA GLU F 12 -47.36 -20.03 -30.31
C GLU F 12 -47.03 -19.94 -28.81
N GLY F 13 -45.93 -20.59 -28.38
CA GLY F 13 -45.39 -20.50 -27.04
C GLY F 13 -45.24 -21.87 -26.37
N TYR F 14 -45.07 -21.82 -25.05
CA TYR F 14 -45.13 -23.02 -24.22
C TYR F 14 -45.39 -22.60 -22.77
N SER F 15 -45.43 -23.59 -21.89
CA SER F 15 -45.73 -23.42 -20.47
C SER F 15 -44.93 -24.43 -19.66
N TRP F 16 -44.78 -24.15 -18.37
CA TRP F 16 -44.20 -25.15 -17.49
C TRP F 16 -44.83 -25.05 -16.11
N GLU F 17 -44.71 -26.15 -15.36
CA GLU F 17 -45.15 -26.25 -13.99
C GLU F 17 -44.00 -26.86 -13.20
N ARG F 18 -43.81 -26.40 -11.97
CA ARG F 18 -42.63 -26.77 -11.22
C ARG F 18 -42.99 -26.93 -9.75
N SER F 19 -42.50 -28.01 -9.16
CA SER F 19 -42.56 -28.22 -7.72
C SER F 19 -41.16 -28.08 -7.16
N MET F 20 -41.06 -27.46 -5.98
CA MET F 20 -39.79 -27.19 -5.32
C MET F 20 -39.91 -27.58 -3.87
N THR F 21 -39.26 -28.68 -3.49
CA THR F 21 -39.47 -29.33 -2.21
C THR F 21 -38.22 -29.18 -1.36
N TYR F 22 -38.26 -28.27 -0.39
CA TYR F 22 -37.10 -27.98 0.44
C TYR F 22 -37.00 -28.98 1.59
N GLU F 23 -35.77 -29.17 2.08
CA GLU F 23 -35.50 -30.24 3.03
C GLU F 23 -36.17 -30.03 4.39
N ASP F 24 -36.68 -28.84 4.68
CA ASP F 24 -37.29 -28.56 5.97
C ASP F 24 -38.81 -28.44 5.88
N GLY F 25 -39.41 -28.97 4.83
CA GLY F 25 -40.85 -28.93 4.67
C GLY F 25 -41.37 -27.76 3.87
N GLY F 26 -40.55 -26.75 3.62
CA GLY F 26 -40.95 -25.67 2.75
C GLY F 26 -41.24 -26.19 1.35
N ILE F 27 -42.39 -25.82 0.80
CA ILE F 27 -42.81 -26.23 -0.54
C ILE F 27 -43.15 -24.98 -1.33
N CYS F 28 -42.71 -24.95 -2.58
CA CYS F 28 -43.04 -23.89 -3.51
C CYS F 28 -43.57 -24.48 -4.80
N ILE F 29 -44.55 -23.81 -5.38
CA ILE F 29 -45.25 -24.26 -6.58
C ILE F 29 -45.31 -23.09 -7.53
N ALA F 30 -45.02 -23.32 -8.81
CA ALA F 30 -44.96 -22.23 -9.77
C ALA F 30 -45.37 -22.70 -11.17
N THR F 31 -46.02 -21.79 -11.90
CA THR F 31 -46.26 -21.97 -13.32
C THR F 31 -45.80 -20.74 -14.08
N ASN F 32 -45.48 -20.94 -15.35
CA ASN F 32 -45.12 -19.88 -16.28
C ASN F 32 -45.77 -20.16 -17.62
N ASP F 33 -46.50 -19.18 -18.14
CA ASP F 33 -47.07 -19.26 -19.49
C ASP F 33 -46.28 -18.29 -20.35
N ILE F 34 -45.51 -18.84 -21.30
CA ILE F 34 -44.55 -18.07 -22.08
C ILE F 34 -45.04 -17.99 -23.52
N THR F 35 -45.19 -16.76 -24.01
CA THR F 35 -45.52 -16.48 -25.40
C THR F 35 -44.53 -15.46 -25.95
N MET F 36 -44.71 -15.09 -27.21
CA MET F 36 -43.79 -14.21 -27.91
C MET F 36 -44.54 -13.05 -28.56
N GLU F 37 -43.98 -11.86 -28.47
CA GLU F 37 -44.53 -10.68 -29.14
C GLU F 37 -43.40 -9.98 -29.88
N GLY F 38 -43.25 -10.31 -31.16
CA GLY F 38 -42.22 -9.72 -31.98
C GLY F 38 -40.84 -10.11 -31.52
N ASP F 39 -40.16 -9.19 -30.82
CA ASP F 39 -38.81 -9.39 -30.33
C ASP F 39 -38.76 -9.69 -28.83
N SER F 40 -39.90 -9.92 -28.19
CA SER F 40 -39.94 -10.17 -26.76
C SER F 40 -40.60 -11.51 -26.45
N PHE F 41 -40.07 -12.19 -25.43
CA PHE F 41 -40.80 -13.26 -24.77
C PHE F 41 -41.57 -12.69 -23.59
N ILE F 42 -42.82 -13.11 -23.45
CA ILE F 42 -43.69 -12.64 -22.37
C ILE F 42 -43.89 -13.78 -21.39
N ASN F 43 -43.67 -13.52 -20.10
CA ASN F 43 -43.77 -14.52 -19.04
C ASN F 43 -44.79 -14.05 -18.02
N LYS F 44 -45.86 -14.82 -17.85
CA LYS F 44 -46.81 -14.61 -16.76
C LYS F 44 -46.64 -15.75 -15.78
N ILE F 45 -46.08 -15.43 -14.60
CA ILE F 45 -45.68 -16.42 -13.62
C ILE F 45 -46.58 -16.32 -12.41
N HIS F 46 -46.96 -17.47 -11.88
CA HIS F 46 -47.66 -17.56 -10.60
C HIS F 46 -46.84 -18.43 -9.67
N PHE F 47 -46.66 -17.96 -8.43
CA PHE F 47 -45.73 -18.57 -7.49
C PHE F 47 -46.40 -18.64 -6.13
N LYS F 48 -46.45 -19.83 -5.55
CA LYS F 48 -46.99 -20.02 -4.22
C LYS F 48 -46.03 -20.87 -3.41
N GLY F 49 -45.84 -20.48 -2.15
CA GLY F 49 -45.02 -21.25 -1.24
C GLY F 49 -45.63 -21.25 0.14
N THR F 50 -45.33 -22.29 0.91
CA THR F 50 -45.94 -22.43 2.23
C THR F 50 -45.10 -23.37 3.07
N ASN F 51 -45.43 -23.41 4.36
CA ASN F 51 -44.78 -24.30 5.34
C ASN F 51 -43.28 -24.02 5.46
N PHE F 52 -42.87 -22.76 5.29
CA PHE F 52 -41.48 -22.42 5.58
C PHE F 52 -41.34 -22.09 7.06
N PRO F 53 -40.42 -22.72 7.78
CA PRO F 53 -40.31 -22.49 9.23
C PRO F 53 -39.99 -21.04 9.53
N PRO F 54 -40.60 -20.47 10.57
CA PRO F 54 -40.37 -19.05 10.88
C PRO F 54 -38.92 -18.71 11.15
N ASN F 55 -38.14 -19.65 11.71
CA ASN F 55 -36.74 -19.42 12.02
C ASN F 55 -35.80 -20.18 11.08
N GLY F 56 -36.30 -20.59 9.92
CA GLY F 56 -35.48 -21.27 8.94
C GLY F 56 -34.80 -20.28 8.02
N PRO F 57 -33.97 -20.79 7.11
CA PRO F 57 -33.14 -19.88 6.30
C PRO F 57 -33.92 -19.00 5.34
N VAL F 58 -35.13 -19.39 4.93
CA VAL F 58 -35.86 -18.61 3.95
C VAL F 58 -36.46 -17.36 4.58
N MET F 59 -37.19 -17.53 5.69
CA MET F 59 -37.85 -16.40 6.35
C MET F 59 -36.87 -15.52 7.13
N GLN F 60 -35.69 -16.04 7.48
CA GLN F 60 -34.66 -15.23 8.11
C GLN F 60 -33.63 -14.72 7.11
N LYS F 61 -33.85 -14.96 5.81
CA LYS F 61 -32.98 -14.47 4.75
C LYS F 61 -31.51 -14.79 5.01
N ARG F 62 -31.23 -16.07 5.23
CA ARG F 62 -29.87 -16.54 5.45
C ARG F 62 -29.28 -17.25 4.24
N THR F 63 -29.81 -16.98 3.04
CA THR F 63 -29.39 -17.64 1.82
C THR F 63 -28.48 -16.73 1.00
N VAL F 64 -27.53 -17.34 0.29
CA VAL F 64 -26.61 -16.59 -0.56
C VAL F 64 -26.35 -17.32 -1.88
N GLY F 65 -27.43 -17.66 -2.59
CA GLY F 65 -27.33 -18.04 -3.99
C GLY F 65 -27.44 -19.54 -4.21
N TRP F 66 -27.87 -19.89 -5.43
CA TRP F 66 -27.95 -21.27 -5.87
C TRP F 66 -26.60 -21.70 -6.44
N GLU F 67 -26.15 -22.90 -6.07
CA GLU F 67 -24.92 -23.41 -6.65
C GLU F 67 -25.21 -24.08 -7.99
N ALA F 68 -24.15 -24.21 -8.80
CA ALA F 68 -24.30 -24.79 -10.13
C ALA F 68 -25.02 -26.13 -10.08
N SER F 69 -25.94 -26.34 -11.01
CA SER F 69 -26.81 -27.50 -11.00
C SER F 69 -26.82 -28.16 -12.37
N THR F 70 -27.23 -29.43 -12.37
CA THR F 70 -27.37 -30.21 -13.60
C THR F 70 -28.78 -30.76 -13.65
N GLU F 71 -29.56 -30.30 -14.62
CA GLU F 71 -30.95 -30.68 -14.78
C GLU F 71 -31.06 -31.79 -15.83
N LYS F 72 -31.76 -32.86 -15.50
CA LYS F 72 -31.90 -34.00 -16.40
C LYS F 72 -33.21 -33.88 -17.15
N MET F 73 -33.11 -33.69 -18.47
CA MET F 73 -34.27 -33.58 -19.34
C MET F 73 -34.58 -34.96 -19.92
N TYR F 74 -35.83 -35.40 -19.77
CA TYR F 74 -36.21 -36.75 -20.14
C TYR F 74 -37.70 -36.82 -20.44
N GLU F 75 -38.07 -37.87 -21.16
CA GLU F 75 -39.46 -38.09 -21.58
C GLU F 75 -40.11 -39.13 -20.68
N ARG F 76 -41.29 -38.80 -20.16
CA ARG F 76 -42.11 -39.74 -19.42
C ARG F 76 -43.56 -39.54 -19.86
N ASP F 77 -44.16 -40.59 -20.42
CA ASP F 77 -45.54 -40.55 -20.92
C ASP F 77 -45.68 -39.55 -22.07
N GLY F 78 -44.66 -39.47 -22.92
CA GLY F 78 -44.65 -38.44 -23.94
C GLY F 78 -44.72 -37.04 -23.38
N VAL F 79 -44.33 -36.86 -22.12
CA VAL F 79 -44.27 -35.57 -21.46
C VAL F 79 -42.81 -35.22 -21.22
N LEU F 80 -42.43 -33.98 -21.55
CA LEU F 80 -41.07 -33.51 -21.34
C LEU F 80 -40.92 -33.01 -19.91
N LYS F 81 -40.01 -33.63 -19.15
CA LYS F 81 -39.84 -33.32 -17.74
C LYS F 81 -38.38 -32.99 -17.45
N GLY F 82 -38.18 -32.24 -16.37
CA GLY F 82 -36.84 -31.90 -15.90
C GLY F 82 -36.70 -32.07 -14.41
N ASP F 83 -35.71 -32.85 -13.98
CA ASP F 83 -35.42 -33.06 -12.57
C ASP F 83 -34.02 -32.53 -12.27
N VAL F 84 -33.89 -31.84 -11.14
CA VAL F 84 -32.59 -31.34 -10.71
C VAL F 84 -32.60 -31.21 -9.19
N LYS F 85 -31.54 -31.72 -8.56
CA LYS F 85 -31.31 -31.50 -7.13
C LYS F 85 -30.58 -30.19 -6.94
N MET F 86 -31.18 -29.28 -6.18
CA MET F 86 -30.67 -27.93 -6.05
C MET F 86 -30.16 -27.71 -4.63
N LYS F 87 -29.21 -26.79 -4.51
CA LYS F 87 -28.58 -26.45 -3.24
C LYS F 87 -28.51 -24.94 -3.11
N LEU F 88 -28.99 -24.43 -1.97
CA LEU F 88 -28.92 -23.02 -1.64
C LEU F 88 -27.80 -22.83 -0.62
N LEU F 89 -26.76 -22.10 -1.00
CA LEU F 89 -25.71 -21.78 -0.05
C LEU F 89 -26.27 -20.92 1.08
N LEU F 90 -25.86 -21.23 2.30
CA LEU F 90 -26.33 -20.51 3.47
C LEU F 90 -25.21 -19.64 4.02
N LYS F 91 -25.59 -18.52 4.64
CA LYS F 91 -24.66 -17.82 5.50
C LYS F 91 -24.26 -18.75 6.64
N GLY F 92 -22.97 -18.78 6.94
CA GLY F 92 -22.41 -19.75 7.85
C GLY F 92 -21.76 -20.93 7.17
N GLY F 93 -22.03 -21.15 5.88
CA GLY F 93 -21.34 -22.15 5.09
C GLY F 93 -22.15 -23.36 4.72
N GLY F 94 -23.27 -23.63 5.38
CA GLY F 94 -24.05 -24.81 5.10
C GLY F 94 -24.79 -24.71 3.78
N HIS F 95 -25.51 -25.79 3.46
CA HIS F 95 -26.33 -25.88 2.27
C HIS F 95 -27.78 -26.20 2.65
N TYR F 96 -28.70 -25.70 1.82
CA TYR F 96 -30.14 -25.84 2.03
C TYR F 96 -30.70 -26.50 0.79
N ARG F 97 -31.13 -27.76 0.92
CA ARG F 97 -31.41 -28.60 -0.23
C ARG F 97 -32.87 -28.48 -0.67
N CYS F 98 -33.08 -28.62 -1.98
CA CYS F 98 -34.42 -28.50 -2.55
C CYS F 98 -34.47 -29.32 -3.83
N ASP F 99 -35.49 -30.16 -3.93
CA ASP F 99 -35.73 -30.98 -5.13
C ASP F 99 -36.66 -30.24 -6.07
N TYR F 100 -36.24 -30.13 -7.33
CA TYR F 100 -37.03 -29.51 -8.39
C TYR F 100 -37.58 -30.61 -9.28
N ARG F 101 -38.88 -30.57 -9.53
CA ARG F 101 -39.49 -31.37 -10.60
C ARG F 101 -40.29 -30.43 -11.48
N THR F 102 -39.94 -30.38 -12.76
CA THR F 102 -40.58 -29.49 -13.72
C THR F 102 -41.19 -30.29 -14.86
N THR F 103 -42.41 -29.90 -15.25
CA THR F 103 -43.07 -30.41 -16.45
C THR F 103 -43.06 -29.30 -17.49
N TYR F 104 -42.44 -29.56 -18.63
CA TYR F 104 -42.31 -28.59 -19.71
C TYR F 104 -43.34 -28.93 -20.79
N LYS F 105 -44.48 -28.23 -20.75
CA LYS F 105 -45.56 -28.43 -21.72
C LYS F 105 -45.22 -27.66 -22.99
N VAL F 106 -44.39 -28.27 -23.82
CA VAL F 106 -43.93 -27.64 -25.06
C VAL F 106 -44.97 -27.86 -26.15
N LYS F 107 -44.73 -27.27 -27.32
CA LYS F 107 -45.68 -27.37 -28.42
C LYS F 107 -45.95 -28.82 -28.81
N GLN F 108 -44.90 -29.62 -28.95
CA GLN F 108 -45.08 -31.00 -29.41
C GLN F 108 -45.86 -31.79 -28.37
N LYS F 109 -47.11 -32.13 -28.69
CA LYS F 109 -47.98 -32.77 -27.68
C LYS F 109 -47.42 -34.10 -27.25
N PRO F 110 -47.08 -35.06 -28.11
CA PRO F 110 -46.32 -36.22 -27.64
C PRO F 110 -44.83 -36.02 -27.88
N VAL F 111 -44.05 -35.91 -26.81
CA VAL F 111 -42.61 -35.73 -26.96
C VAL F 111 -41.92 -37.10 -26.97
N TYR F 116 -32.63 -39.09 -22.87
CA TYR F 116 -32.12 -38.21 -21.83
C TYR F 116 -31.15 -37.19 -22.40
N HIS F 117 -31.04 -36.05 -21.72
CA HIS F 117 -29.93 -35.12 -21.90
C HIS F 117 -29.90 -34.19 -20.70
N PHE F 118 -28.84 -33.41 -20.61
CA PHE F 118 -28.62 -32.54 -19.47
C PHE F 118 -28.67 -31.08 -19.89
N VAL F 119 -28.87 -30.22 -18.89
CA VAL F 119 -28.71 -28.78 -19.03
C VAL F 119 -28.03 -28.30 -17.75
N ASP F 120 -26.81 -27.81 -17.86
CA ASP F 120 -26.05 -27.30 -16.71
C ASP F 120 -26.40 -25.83 -16.50
N HIS F 121 -26.73 -25.48 -15.26
CA HIS F 121 -27.25 -24.16 -14.91
C HIS F 121 -26.24 -23.37 -14.09
N ARG F 122 -26.22 -22.05 -14.32
CA ARG F 122 -25.54 -21.10 -13.45
C ARG F 122 -26.45 -19.89 -13.33
N ILE F 123 -26.88 -19.58 -12.10
CA ILE F 123 -27.79 -18.46 -11.85
C ILE F 123 -27.22 -17.64 -10.71
N GLU F 124 -27.27 -16.32 -10.86
CA GLU F 124 -26.59 -15.44 -9.90
C GLU F 124 -27.23 -14.06 -9.90
N ILE F 125 -27.43 -13.53 -8.69
CA ILE F 125 -27.91 -12.17 -8.51
C ILE F 125 -26.71 -11.23 -8.67
N LEU F 126 -26.66 -10.50 -9.78
CA LEU F 126 -25.54 -9.60 -10.05
C LEU F 126 -25.62 -8.35 -9.18
N SER F 127 -26.81 -7.79 -8.99
CA SER F 127 -26.97 -6.57 -8.21
C SER F 127 -28.26 -6.64 -7.41
N HIS F 128 -28.32 -5.85 -6.35
CA HIS F 128 -29.57 -5.70 -5.60
C HIS F 128 -29.43 -4.53 -4.65
N ASP F 129 -30.57 -3.96 -4.29
CA ASP F 129 -30.60 -2.96 -3.23
C ASP F 129 -30.87 -3.65 -1.90
N LYS F 130 -31.02 -2.85 -0.84
CA LYS F 130 -31.00 -3.38 0.52
C LYS F 130 -32.07 -4.45 0.73
N ASP F 131 -33.32 -4.15 0.38
CA ASP F 131 -34.43 -5.06 0.59
C ASP F 131 -34.77 -5.89 -0.65
N TYR F 132 -33.91 -5.88 -1.68
CA TYR F 132 -34.11 -6.65 -2.91
C TYR F 132 -35.37 -6.25 -3.65
N ASN F 133 -35.75 -4.97 -3.57
CA ASN F 133 -36.87 -4.49 -4.39
C ASN F 133 -36.42 -4.15 -5.80
N LYS F 134 -35.10 -4.06 -6.01
CA LYS F 134 -34.52 -3.96 -7.34
C LYS F 134 -33.40 -4.99 -7.40
N VAL F 135 -33.48 -5.88 -8.38
CA VAL F 135 -32.53 -6.98 -8.50
C VAL F 135 -32.16 -7.14 -9.97
N LYS F 136 -30.87 -7.33 -10.24
CA LYS F 136 -30.40 -7.76 -11.54
C LYS F 136 -30.03 -9.24 -11.45
N LEU F 137 -30.67 -10.07 -12.26
CA LEU F 137 -30.46 -11.50 -12.26
C LEU F 137 -29.78 -11.93 -13.54
N TYR F 138 -29.03 -13.03 -13.47
CA TYR F 138 -28.28 -13.54 -14.62
C TYR F 138 -28.34 -15.06 -14.63
N GLU F 139 -28.42 -15.63 -15.83
CA GLU F 139 -28.48 -17.08 -15.98
C GLU F 139 -27.67 -17.53 -17.17
N HIS F 140 -27.00 -18.66 -17.01
CA HIS F 140 -26.23 -19.34 -18.04
C HIS F 140 -26.67 -20.80 -18.07
N ALA F 141 -27.07 -21.29 -19.24
CA ALA F 141 -27.65 -22.63 -19.36
C ALA F 141 -27.18 -23.30 -20.64
N VAL F 142 -26.52 -24.44 -20.50
CA VAL F 142 -25.91 -25.17 -21.61
C VAL F 142 -26.41 -26.59 -21.58
N ALA F 143 -26.83 -27.11 -22.72
CA ALA F 143 -27.32 -28.48 -22.85
C ALA F 143 -26.24 -29.39 -23.43
N ARG F 144 -26.27 -30.65 -23.03
CA ARG F 144 -25.23 -31.59 -23.46
C ARG F 144 -25.78 -33.01 -23.39
N ASN F 145 -25.03 -33.94 -23.98
CA ASN F 145 -25.40 -35.35 -24.03
C ASN F 145 -24.98 -36.06 -22.75
N SER F 146 -25.17 -37.38 -22.72
CA SER F 146 -24.64 -38.22 -21.66
C SER F 146 -23.36 -38.89 -22.17
N VAL F 172 -37.29 -17.65 -36.61
CA VAL F 172 -38.40 -17.25 -35.75
C VAL F 172 -37.88 -16.62 -34.47
N ILE F 173 -36.80 -17.19 -33.94
CA ILE F 173 -36.18 -16.71 -32.71
C ILE F 173 -34.85 -16.07 -33.08
N LYS F 174 -34.70 -14.80 -32.74
CA LYS F 174 -33.53 -14.02 -33.13
C LYS F 174 -32.32 -14.36 -32.27
N PRO F 175 -31.12 -13.98 -32.72
CA PRO F 175 -29.94 -14.09 -31.82
C PRO F 175 -30.06 -13.23 -30.57
N ASP F 176 -30.67 -12.05 -30.67
CA ASP F 176 -30.94 -11.18 -29.53
C ASP F 176 -32.44 -11.05 -29.35
N MET F 177 -32.91 -11.25 -28.13
CA MET F 177 -34.34 -11.19 -27.83
C MET F 177 -34.56 -10.50 -26.50
N LYS F 178 -35.70 -9.82 -26.39
CA LYS F 178 -36.13 -9.30 -25.11
C LYS F 178 -36.79 -10.40 -24.29
N ASN F 179 -36.95 -10.13 -23.00
CA ASN F 179 -37.63 -11.06 -22.10
C ASN F 179 -38.29 -10.23 -21.01
N LYS F 180 -39.62 -10.18 -21.03
CA LYS F 180 -40.39 -9.48 -20.02
C LYS F 180 -41.17 -10.48 -19.19
N LEU F 181 -41.37 -10.16 -17.92
CA LEU F 181 -42.12 -11.06 -17.05
C LEU F 181 -42.92 -10.28 -16.03
N ARG F 182 -43.94 -10.95 -15.51
CA ARG F 182 -44.71 -10.50 -14.37
C ARG F 182 -44.96 -11.70 -13.49
N MET F 183 -44.79 -11.53 -12.19
CA MET F 183 -44.95 -12.62 -11.24
C MET F 183 -45.92 -12.21 -10.15
N GLU F 184 -47.02 -12.96 -10.03
CA GLU F 184 -47.90 -12.85 -8.89
C GLU F 184 -47.56 -13.99 -7.95
N GLY F 185 -47.19 -13.66 -6.71
CA GLY F 185 -46.69 -14.65 -5.79
C GLY F 185 -47.37 -14.52 -4.43
N ASN F 186 -47.29 -15.62 -3.69
CA ASN F 186 -47.76 -15.65 -2.30
C ASN F 186 -46.91 -16.67 -1.58
N VAL F 187 -46.16 -16.23 -0.57
CA VAL F 187 -45.22 -17.07 0.15
C VAL F 187 -45.49 -16.93 1.64
N ASN F 188 -45.83 -18.04 2.29
CA ASN F 188 -46.15 -18.04 3.72
C ASN F 188 -47.20 -17.00 4.07
N GLY F 189 -48.14 -16.79 3.15
CA GLY F 189 -49.24 -15.87 3.36
C GLY F 189 -48.99 -14.43 2.97
N HIS F 190 -47.78 -14.10 2.54
CA HIS F 190 -47.44 -12.73 2.13
C HIS F 190 -47.57 -12.62 0.62
N ALA F 191 -48.52 -11.82 0.16
CA ALA F 191 -48.75 -11.64 -1.26
C ALA F 191 -47.82 -10.58 -1.81
N PHE F 192 -47.49 -10.70 -3.10
CA PHE F 192 -46.56 -9.77 -3.72
C PHE F 192 -46.64 -9.89 -5.23
N VAL F 193 -46.17 -8.84 -5.91
CA VAL F 193 -46.09 -8.80 -7.37
C VAL F 193 -44.71 -8.29 -7.75
N ILE F 194 -44.09 -8.95 -8.72
CA ILE F 194 -42.77 -8.57 -9.21
C ILE F 194 -42.81 -8.52 -10.73
N GLU F 195 -42.33 -7.42 -11.30
CA GLU F 195 -42.23 -7.25 -12.74
C GLU F 195 -40.76 -7.17 -13.15
N GLY F 196 -40.49 -7.48 -14.41
CA GLY F 196 -39.11 -7.52 -14.85
C GLY F 196 -38.91 -7.34 -16.35
N GLU F 197 -37.87 -6.60 -16.70
CA GLU F 197 -37.49 -6.36 -18.08
C GLU F 197 -36.07 -6.86 -18.30
N GLY F 198 -35.86 -7.60 -19.38
CA GLY F 198 -34.55 -8.16 -19.62
C GLY F 198 -34.24 -8.45 -21.07
N SER F 199 -33.09 -9.06 -21.30
CA SER F 199 -32.65 -9.39 -22.65
C SER F 199 -31.71 -10.60 -22.56
N GLY F 200 -31.44 -11.21 -23.69
CA GLY F 200 -30.55 -12.35 -23.68
C GLY F 200 -30.28 -12.84 -25.09
N LYS F 201 -29.44 -13.88 -25.16
CA LYS F 201 -29.10 -14.51 -26.43
C LYS F 201 -29.53 -15.97 -26.38
N PRO F 202 -30.66 -16.32 -26.99
CA PRO F 202 -31.21 -17.67 -26.79
C PRO F 202 -30.31 -18.79 -27.25
N PHE F 203 -29.60 -18.61 -28.36
CA PHE F 203 -28.73 -19.68 -28.85
C PHE F 203 -27.46 -19.81 -28.01
N GLU F 204 -27.11 -18.78 -27.24
CA GLU F 204 -25.97 -18.86 -26.36
C GLU F 204 -26.35 -19.16 -24.91
N GLY F 205 -27.64 -19.23 -24.61
CA GLY F 205 -28.09 -19.60 -23.28
C GLY F 205 -27.71 -18.62 -22.18
N ILE F 206 -27.65 -17.34 -22.49
CA ILE F 206 -27.33 -16.31 -21.50
C ILE F 206 -28.43 -15.26 -21.53
N GLN F 207 -28.76 -14.73 -20.35
CA GLN F 207 -29.80 -13.72 -20.24
C GLN F 207 -29.65 -12.97 -18.93
N THR F 208 -30.07 -11.70 -18.95
CA THR F 208 -30.12 -10.84 -17.78
C THR F 208 -31.52 -10.25 -17.69
N ILE F 209 -31.95 -9.94 -16.47
CA ILE F 209 -33.24 -9.28 -16.26
C ILE F 209 -33.11 -8.38 -15.04
N ASP F 210 -33.80 -7.24 -15.10
CA ASP F 210 -33.91 -6.33 -13.96
C ASP F 210 -35.31 -6.43 -13.38
N LEU F 211 -35.40 -6.75 -12.09
CA LEU F 211 -36.65 -7.09 -11.44
C LEU F 211 -37.02 -6.02 -10.42
N GLU F 212 -38.31 -5.73 -10.32
CA GLU F 212 -38.79 -4.71 -9.40
C GLU F 212 -40.00 -5.23 -8.63
N VAL F 213 -39.95 -5.10 -7.31
CA VAL F 213 -41.10 -5.41 -6.47
C VAL F 213 -42.13 -4.30 -6.62
N LYS F 214 -43.30 -4.66 -7.16
CA LYS F 214 -44.39 -3.70 -7.37
C LYS F 214 -45.40 -3.70 -6.23
N GLU F 215 -45.61 -4.84 -5.58
CA GLU F 215 -46.53 -4.96 -4.46
C GLU F 215 -45.93 -5.92 -3.44
N GLY F 216 -46.25 -5.69 -2.16
CA GLY F 216 -45.74 -6.52 -1.09
C GLY F 216 -44.35 -6.19 -0.61
N ALA F 217 -43.80 -5.02 -0.98
CA ALA F 217 -42.48 -4.64 -0.48
C ALA F 217 -42.59 -4.18 0.98
N PRO F 218 -41.60 -4.50 1.82
CA PRO F 218 -40.44 -5.34 1.50
C PRO F 218 -40.74 -6.83 1.66
N LEU F 219 -40.16 -7.67 0.80
CA LEU F 219 -40.38 -9.10 0.90
C LEU F 219 -39.78 -9.61 2.21
N PRO F 220 -40.57 -10.35 3.02
CA PRO F 220 -40.04 -10.87 4.28
C PRO F 220 -39.31 -12.21 4.18
N PHE F 221 -39.01 -12.68 2.97
CA PHE F 221 -38.42 -13.99 2.76
C PHE F 221 -37.26 -13.89 1.78
N ALA F 222 -36.40 -14.90 1.79
CA ALA F 222 -35.24 -14.94 0.91
C ALA F 222 -35.63 -14.84 -0.56
N TYR F 223 -35.08 -13.83 -1.24
CA TYR F 223 -35.34 -13.61 -2.66
C TYR F 223 -34.87 -14.78 -3.52
N ASP F 224 -33.91 -15.58 -3.02
CA ASP F 224 -33.34 -16.65 -3.84
C ASP F 224 -34.38 -17.67 -4.26
N ILE F 225 -35.45 -17.85 -3.47
CA ILE F 225 -36.45 -18.87 -3.80
C ILE F 225 -37.24 -18.49 -5.04
N LEU F 226 -37.19 -17.23 -5.47
CA LEU F 226 -37.93 -16.78 -6.64
C LEU F 226 -37.12 -16.80 -7.92
N THR F 227 -35.79 -16.81 -7.84
CA THR F 227 -34.98 -16.46 -9.00
C THR F 227 -35.08 -17.51 -10.10
N THR F 228 -35.14 -18.80 -9.74
CA THR F 228 -35.28 -19.82 -10.76
C THR F 228 -36.65 -19.78 -11.44
N ALA F 229 -37.64 -19.16 -10.81
CA ALA F 229 -38.94 -19.00 -11.46
C ALA F 229 -38.87 -17.86 -12.47
N PHE F 230 -37.91 -16.92 -12.55
CA PHE F 230 -38.01 -15.67 -13.28
C PHE F 230 -37.58 -15.88 -14.74
N ASN G 2 -36.95 -19.52 -18.23
CA ASN G 2 -37.45 -19.71 -19.58
C ASN G 2 -36.41 -20.44 -20.41
N ARG G 3 -36.64 -21.73 -20.65
CA ARG G 3 -35.60 -22.57 -21.25
C ARG G 3 -35.36 -22.29 -22.73
N VAL G 4 -36.01 -21.30 -23.33
CA VAL G 4 -35.59 -20.86 -24.66
C VAL G 4 -34.15 -20.37 -24.62
N PHE G 5 -33.73 -19.81 -23.47
CA PHE G 5 -32.36 -19.34 -23.28
C PHE G 5 -31.49 -20.48 -22.78
N THR G 6 -31.25 -21.42 -23.68
CA THR G 6 -30.38 -22.56 -23.42
C THR G 6 -29.53 -22.84 -24.66
N LYS G 7 -28.23 -22.99 -24.47
CA LYS G 7 -27.33 -23.28 -25.58
C LYS G 7 -27.44 -24.76 -25.95
N TYR G 8 -28.22 -25.05 -26.99
CA TYR G 8 -28.37 -26.35 -27.62
C TYR G 8 -27.50 -26.43 -28.87
N PRO G 9 -26.83 -27.57 -29.12
CA PRO G 9 -26.09 -27.76 -30.38
C PRO G 9 -26.98 -27.66 -31.62
N ILE H 2 -11.19 -14.22 -25.90
CA ILE H 2 -10.46 -13.83 -27.11
C ILE H 2 -10.91 -12.44 -27.53
N PRO H 3 -9.95 -11.53 -27.72
CA PRO H 3 -10.31 -10.17 -28.16
C PRO H 3 -10.64 -10.14 -29.63
N ASP H 4 -11.68 -9.37 -29.97
CA ASP H 4 -12.18 -9.23 -31.33
C ASP H 4 -11.59 -7.93 -31.88
N TYR H 5 -10.38 -8.02 -32.45
CA TYR H 5 -9.72 -6.83 -32.95
C TYR H 5 -10.37 -6.28 -34.21
N PHE H 6 -11.26 -7.05 -34.86
CA PHE H 6 -11.89 -6.60 -36.10
C PHE H 6 -13.09 -5.71 -35.82
N LYS H 7 -13.98 -6.15 -34.92
CA LYS H 7 -15.06 -5.28 -34.49
C LYS H 7 -14.51 -4.06 -33.74
N GLN H 8 -13.40 -4.23 -33.03
CA GLN H 8 -12.70 -3.13 -32.38
C GLN H 8 -12.29 -2.03 -33.37
N SER H 9 -12.12 -2.35 -34.65
CA SER H 9 -11.52 -1.41 -35.60
C SER H 9 -12.49 -0.39 -36.15
N PHE H 10 -13.73 -0.34 -35.65
CA PHE H 10 -14.72 0.52 -36.26
C PHE H 10 -15.17 1.61 -35.28
N PRO H 11 -15.65 2.77 -35.78
CA PRO H 11 -15.99 3.07 -37.18
C PRO H 11 -14.83 3.29 -38.14
N GLU H 12 -13.60 3.42 -37.64
CA GLU H 12 -12.50 3.85 -38.51
C GLU H 12 -12.26 2.85 -39.63
N GLY H 13 -12.24 1.56 -39.30
CA GLY H 13 -12.06 0.50 -40.26
C GLY H 13 -10.72 -0.19 -40.06
N TYR H 14 -10.39 -1.04 -41.03
CA TYR H 14 -9.12 -1.76 -41.02
C TYR H 14 -8.83 -2.21 -42.45
N SER H 15 -7.72 -2.92 -42.61
CA SER H 15 -7.30 -3.42 -43.91
C SER H 15 -6.55 -4.73 -43.72
N TRP H 16 -6.50 -5.54 -44.77
CA TRP H 16 -5.66 -6.73 -44.73
C TRP H 16 -4.94 -6.89 -46.05
N GLU H 17 -3.83 -7.61 -45.98
CA GLU H 17 -3.07 -8.05 -47.14
C GLU H 17 -2.91 -9.56 -47.06
N ARG H 18 -2.95 -10.23 -48.19
CA ARG H 18 -2.98 -11.69 -48.19
C ARG H 18 -2.18 -12.23 -49.36
N SER H 19 -1.34 -13.21 -49.09
CA SER H 19 -0.69 -14.01 -50.11
C SER H 19 -1.35 -15.38 -50.17
N MET H 20 -1.49 -15.91 -51.39
CA MET H 20 -2.13 -17.20 -51.62
C MET H 20 -1.23 -18.00 -52.57
N THR H 21 -0.57 -19.02 -52.04
CA THR H 21 0.47 -19.74 -52.75
C THR H 21 -0.03 -21.14 -53.06
N TYR H 22 -0.31 -21.40 -54.34
CA TYR H 22 -0.86 -22.67 -54.78
C TYR H 22 0.27 -23.65 -55.09
N GLU H 23 -0.05 -24.95 -55.00
CA GLU H 23 0.99 -25.97 -55.06
C GLU H 23 1.64 -26.11 -56.44
N ASP H 24 1.03 -25.57 -57.49
CA ASP H 24 1.60 -25.65 -58.84
C ASP H 24 2.25 -24.35 -59.29
N GLY H 25 2.57 -23.45 -58.36
CA GLY H 25 3.21 -22.21 -58.71
C GLY H 25 2.27 -21.04 -58.94
N GLY H 26 0.97 -21.29 -58.99
CA GLY H 26 0.03 -20.19 -59.05
C GLY H 26 0.12 -19.34 -57.81
N ILE H 27 0.17 -18.03 -57.97
CA ILE H 27 0.29 -17.11 -56.84
C ILE H 27 -0.79 -16.05 -56.98
N CYS H 28 -1.38 -15.67 -55.84
CA CYS H 28 -2.37 -14.62 -55.80
C CYS H 28 -2.06 -13.72 -54.61
N ILE H 29 -2.10 -12.41 -54.85
CA ILE H 29 -1.90 -11.40 -53.81
C ILE H 29 -3.12 -10.50 -53.82
N ALA H 30 -3.65 -10.20 -52.63
CA ALA H 30 -4.84 -9.37 -52.53
C ALA H 30 -4.72 -8.42 -51.35
N THR H 31 -5.39 -7.27 -51.48
CA THR H 31 -5.59 -6.34 -50.38
C THR H 31 -7.06 -5.95 -50.31
N ASN H 32 -7.51 -5.60 -49.12
CA ASN H 32 -8.84 -5.06 -48.90
C ASN H 32 -8.74 -3.92 -47.90
N ASP H 33 -9.32 -2.78 -48.25
CA ASP H 33 -9.48 -1.66 -47.33
C ASP H 33 -10.96 -1.54 -46.98
N ILE H 34 -11.27 -1.75 -45.70
CA ILE H 34 -12.64 -1.92 -45.24
C ILE H 34 -13.03 -0.71 -44.39
N THR H 35 -14.09 0.00 -44.83
CA THR H 35 -14.64 1.14 -44.12
C THR H 35 -16.03 0.82 -43.59
N MET H 36 -16.76 1.87 -43.23
CA MET H 36 -18.13 1.76 -42.74
C MET H 36 -18.87 3.05 -43.02
N GLU H 37 -19.98 2.96 -43.74
CA GLU H 37 -20.91 4.08 -43.97
C GLU H 37 -22.26 3.70 -43.37
N GLY H 38 -22.54 4.23 -42.18
CA GLY H 38 -23.81 3.99 -41.52
C GLY H 38 -24.07 2.54 -41.18
N ASP H 39 -24.87 1.87 -42.02
CA ASP H 39 -25.24 0.47 -41.80
C ASP H 39 -24.47 -0.48 -42.69
N SER H 40 -23.44 -0.01 -43.39
CA SER H 40 -22.80 -0.77 -44.44
C SER H 40 -21.30 -0.84 -44.19
N PHE H 41 -20.70 -1.99 -44.47
CA PHE H 41 -19.26 -2.11 -44.62
C PHE H 41 -18.92 -1.97 -46.10
N ILE H 42 -17.94 -1.13 -46.40
CA ILE H 42 -17.48 -0.92 -47.77
C ILE H 42 -16.12 -1.58 -47.92
N ASN H 43 -15.96 -2.36 -48.98
CA ASN H 43 -14.73 -3.10 -49.24
C ASN H 43 -14.16 -2.66 -50.57
N LYS H 44 -12.93 -2.16 -50.56
CA LYS H 44 -12.17 -1.92 -51.79
C LYS H 44 -11.09 -2.98 -51.88
N ILE H 45 -11.25 -3.89 -52.85
CA ILE H 45 -10.42 -5.07 -52.97
C ILE H 45 -9.63 -4.97 -54.27
N HIS H 46 -8.35 -5.28 -54.20
CA HIS H 46 -7.48 -5.45 -55.35
C HIS H 46 -6.94 -6.87 -55.33
N PHE H 47 -6.95 -7.51 -56.49
CA PHE H 47 -6.64 -8.93 -56.59
C PHE H 47 -5.73 -9.14 -57.79
N LYS H 48 -4.60 -9.81 -57.56
CA LYS H 48 -3.68 -10.12 -58.64
C LYS H 48 -3.25 -11.58 -58.54
N GLY H 49 -3.23 -12.27 -59.69
CA GLY H 49 -2.80 -13.66 -59.74
C GLY H 49 -1.93 -13.96 -60.93
N THR H 50 -0.91 -14.81 -60.79
CA THR H 50 0.08 -15.02 -61.83
C THR H 50 0.52 -16.46 -61.89
N ASN H 51 1.18 -16.80 -63.01
CA ASN H 51 1.82 -18.09 -63.23
C ASN H 51 0.90 -19.27 -62.90
N PHE H 52 -0.39 -19.13 -63.21
CA PHE H 52 -1.27 -20.30 -63.18
C PHE H 52 -1.08 -21.09 -64.47
N PRO H 53 -0.76 -22.39 -64.39
CA PRO H 53 -0.49 -23.17 -65.61
C PRO H 53 -1.70 -23.15 -66.54
N PRO H 54 -1.48 -23.03 -67.85
CA PRO H 54 -2.61 -23.00 -68.78
C PRO H 54 -3.50 -24.23 -68.70
N ASN H 55 -2.93 -25.39 -68.39
CA ASN H 55 -3.70 -26.63 -68.33
C ASN H 55 -3.98 -27.09 -66.91
N GLY H 56 -3.79 -26.21 -65.92
CA GLY H 56 -4.04 -26.55 -64.55
C GLY H 56 -5.50 -26.38 -64.18
N PRO H 57 -5.84 -26.68 -62.92
CA PRO H 57 -7.26 -26.64 -62.53
C PRO H 57 -7.88 -25.26 -62.49
N VAL H 58 -7.09 -24.20 -62.34
CA VAL H 58 -7.66 -22.85 -62.24
C VAL H 58 -8.03 -22.31 -63.61
N MET H 59 -7.13 -22.48 -64.60
CA MET H 59 -7.42 -21.99 -65.94
C MET H 59 -8.42 -22.88 -66.68
N GLN H 60 -8.58 -24.14 -66.27
CA GLN H 60 -9.54 -25.04 -66.88
C GLN H 60 -10.82 -25.20 -66.06
N LYS H 61 -10.96 -24.44 -64.98
CA LYS H 61 -12.16 -24.45 -64.13
C LYS H 61 -12.55 -25.86 -63.71
N ARG H 62 -11.58 -26.58 -63.15
CA ARG H 62 -11.80 -27.93 -62.63
C ARG H 62 -11.93 -27.94 -61.11
N THR H 63 -12.38 -26.85 -60.53
CA THR H 63 -12.40 -26.68 -59.08
C THR H 63 -13.85 -26.65 -58.58
N VAL H 64 -14.08 -27.19 -57.38
CA VAL H 64 -15.44 -27.30 -56.86
C VAL H 64 -15.53 -27.03 -55.36
N GLY H 65 -14.97 -25.92 -54.89
CA GLY H 65 -15.31 -25.42 -53.57
C GLY H 65 -14.19 -25.59 -52.57
N TRP H 66 -14.15 -24.70 -51.58
CA TRP H 66 -13.13 -24.74 -50.53
C TRP H 66 -13.60 -25.65 -49.39
N GLU H 67 -12.73 -26.55 -48.96
CA GLU H 67 -13.03 -27.36 -47.79
C GLU H 67 -12.99 -26.51 -46.53
N ALA H 68 -13.70 -26.97 -45.50
CA ALA H 68 -13.65 -26.30 -44.21
C ALA H 68 -12.21 -26.14 -43.75
N SER H 69 -11.90 -24.98 -43.19
CA SER H 69 -10.53 -24.62 -42.85
C SER H 69 -10.48 -24.07 -41.44
N THR H 70 -9.26 -24.04 -40.89
CA THR H 70 -9.03 -23.50 -39.56
C THR H 70 -7.85 -22.54 -39.66
N GLU H 71 -8.15 -21.25 -39.52
CA GLU H 71 -7.16 -20.20 -39.56
C GLU H 71 -6.62 -19.96 -38.16
N LYS H 72 -5.30 -19.89 -38.02
CA LYS H 72 -4.67 -19.67 -36.73
C LYS H 72 -4.28 -18.20 -36.62
N MET H 73 -4.91 -17.49 -35.69
CA MET H 73 -4.71 -16.06 -35.49
C MET H 73 -3.67 -15.86 -34.40
N TYR H 74 -2.65 -15.06 -34.70
CA TYR H 74 -1.54 -14.91 -33.76
C TYR H 74 -0.88 -13.56 -33.97
N GLU H 75 -0.08 -13.17 -32.98
CA GLU H 75 0.58 -11.88 -32.96
C GLU H 75 2.07 -12.09 -33.20
N ARG H 76 2.62 -11.35 -34.15
CA ARG H 76 4.05 -11.36 -34.45
C ARG H 76 4.51 -9.91 -34.57
N ASP H 77 5.42 -9.50 -33.68
CA ASP H 77 5.91 -8.12 -33.60
C ASP H 77 4.74 -7.13 -33.46
N GLY H 78 3.77 -7.48 -32.63
CA GLY H 78 2.62 -6.62 -32.44
C GLY H 78 1.73 -6.47 -33.65
N VAL H 79 1.88 -7.33 -34.65
CA VAL H 79 1.04 -7.34 -35.85
C VAL H 79 0.16 -8.56 -35.80
N LEU H 80 -1.12 -8.39 -36.12
CA LEU H 80 -2.08 -9.49 -36.14
C LEU H 80 -2.00 -10.23 -37.47
N LYS H 81 -1.82 -11.53 -37.42
CA LYS H 81 -1.59 -12.33 -38.62
C LYS H 81 -2.43 -13.60 -38.58
N GLY H 82 -2.78 -14.08 -39.77
CA GLY H 82 -3.55 -15.30 -39.91
C GLY H 82 -2.95 -16.26 -40.93
N ASP H 83 -2.73 -17.50 -40.52
CA ASP H 83 -2.24 -18.55 -41.40
C ASP H 83 -3.27 -19.66 -41.48
N VAL H 84 -3.52 -20.17 -42.69
CA VAL H 84 -4.42 -21.30 -42.88
C VAL H 84 -3.99 -22.08 -44.12
N LYS H 85 -3.94 -23.40 -43.99
CA LYS H 85 -3.74 -24.26 -45.15
C LYS H 85 -5.08 -24.57 -45.78
N MET H 86 -5.21 -24.28 -47.07
CA MET H 86 -6.49 -24.40 -47.76
C MET H 86 -6.44 -25.53 -48.78
N LYS H 87 -7.62 -26.10 -49.07
CA LYS H 87 -7.76 -27.17 -50.04
C LYS H 87 -8.96 -26.90 -50.93
N LEU H 88 -8.72 -26.88 -52.25
CA LEU H 88 -9.75 -26.74 -53.28
C LEU H 88 -10.06 -28.10 -53.89
N LEU H 89 -11.27 -28.61 -53.62
CA LEU H 89 -11.71 -29.86 -54.21
C LEU H 89 -11.71 -29.74 -55.73
N LEU H 90 -11.21 -30.78 -56.39
CA LEU H 90 -11.11 -30.81 -57.84
C LEU H 90 -12.13 -31.78 -58.41
N LYS H 91 -12.60 -31.49 -59.63
CA LYS H 91 -13.32 -32.49 -60.38
C LYS H 91 -12.43 -33.72 -60.53
N GLY H 92 -13.01 -34.89 -60.33
CA GLY H 92 -12.24 -36.12 -60.29
C GLY H 92 -11.85 -36.58 -58.89
N GLY H 93 -11.99 -35.72 -57.88
CA GLY H 93 -11.84 -36.13 -56.49
C GLY H 93 -10.58 -35.69 -55.78
N GLY H 94 -9.57 -35.20 -56.49
CA GLY H 94 -8.36 -34.77 -55.84
C GLY H 94 -8.52 -33.44 -55.13
N HIS H 95 -7.43 -33.00 -54.50
CA HIS H 95 -7.37 -31.71 -53.83
C HIS H 95 -6.23 -30.88 -54.39
N TYR H 96 -6.44 -29.56 -54.39
CA TYR H 96 -5.51 -28.57 -54.92
C TYR H 96 -5.17 -27.62 -53.77
N ARG H 97 -3.95 -27.72 -53.26
CA ARG H 97 -3.57 -27.07 -52.02
C ARG H 97 -3.05 -25.65 -52.25
N CYS H 98 -3.26 -24.80 -51.25
CA CYS H 98 -2.91 -23.38 -51.30
C CYS H 98 -2.63 -22.90 -49.89
N ASP H 99 -1.49 -22.26 -49.67
CA ASP H 99 -1.14 -21.70 -48.38
C ASP H 99 -1.54 -20.24 -48.32
N TYR H 100 -2.26 -19.87 -47.26
CA TYR H 100 -2.73 -18.51 -47.06
C TYR H 100 -1.89 -17.86 -45.97
N ARG H 101 -1.40 -16.65 -46.25
CA ARG H 101 -0.77 -15.81 -45.25
C ARG H 101 -1.42 -14.45 -45.30
N THR H 102 -2.03 -14.04 -44.20
CA THR H 102 -2.75 -12.77 -44.15
C THR H 102 -2.20 -11.91 -43.02
N THR H 103 -2.10 -10.61 -43.30
CA THR H 103 -1.75 -9.60 -42.32
C THR H 103 -2.98 -8.74 -42.09
N TYR H 104 -3.46 -8.70 -40.85
CA TYR H 104 -4.68 -7.97 -40.51
C TYR H 104 -4.27 -6.68 -39.80
N LYS H 105 -4.28 -5.57 -40.55
CA LYS H 105 -3.85 -4.27 -40.04
C LYS H 105 -5.04 -3.59 -39.38
N VAL H 106 -5.29 -3.97 -38.13
CA VAL H 106 -6.46 -3.52 -37.40
C VAL H 106 -6.20 -2.18 -36.75
N LYS H 107 -7.24 -1.61 -36.14
CA LYS H 107 -7.15 -0.38 -35.35
C LYS H 107 -5.92 -0.35 -34.45
N GLN H 108 -5.90 -1.24 -33.47
CA GLN H 108 -4.83 -1.28 -32.49
C GLN H 108 -3.53 -1.62 -33.20
N LYS H 109 -2.60 -0.67 -33.26
CA LYS H 109 -1.37 -0.83 -34.01
C LYS H 109 -0.39 -1.73 -33.28
N PRO H 110 -0.24 -1.62 -31.93
CA PRO H 110 0.41 -2.72 -31.20
C PRO H 110 -0.62 -3.70 -30.67
N VAL H 111 -0.75 -4.86 -31.32
CA VAL H 111 -1.72 -5.87 -30.93
C VAL H 111 -1.06 -6.83 -29.96
N LYS H 112 -1.84 -7.27 -28.96
CA LYS H 112 -1.31 -8.03 -27.83
C LYS H 112 -2.09 -9.34 -27.73
N LEU H 113 -1.52 -10.45 -28.16
CA LEU H 113 -2.25 -11.67 -27.93
C LEU H 113 -1.43 -12.61 -27.05
N ASP H 115 -0.25 -16.56 -26.85
CA ASP H 115 -1.68 -16.87 -26.77
C ASP H 115 -2.37 -16.66 -28.12
N TYR H 116 -2.51 -17.73 -28.89
CA TYR H 116 -3.15 -17.69 -30.19
C TYR H 116 -4.58 -18.21 -30.08
N HIS H 117 -5.36 -18.03 -31.15
CA HIS H 117 -6.71 -18.59 -31.25
C HIS H 117 -6.97 -19.01 -32.69
N PHE H 118 -8.11 -19.68 -32.90
CA PHE H 118 -8.48 -20.22 -34.20
C PHE H 118 -9.74 -19.55 -34.72
N VAL H 119 -9.94 -19.63 -36.04
CA VAL H 119 -11.18 -19.21 -36.69
C VAL H 119 -11.52 -20.29 -37.70
N ASP H 120 -12.57 -21.06 -37.42
CA ASP H 120 -13.00 -22.11 -38.33
C ASP H 120 -13.88 -21.52 -39.42
N HIS H 121 -13.61 -21.89 -40.66
CA HIS H 121 -14.27 -21.30 -41.82
C HIS H 121 -15.11 -22.33 -42.56
N ARG H 122 -16.28 -21.89 -43.02
CA ARG H 122 -17.05 -22.57 -44.06
C ARG H 122 -17.37 -21.52 -45.12
N ILE H 123 -17.06 -21.83 -46.38
CA ILE H 123 -17.35 -20.92 -47.49
C ILE H 123 -17.87 -21.73 -48.67
N GLU H 124 -18.94 -21.26 -49.29
CA GLU H 124 -19.63 -22.04 -50.31
C GLU H 124 -20.33 -21.11 -51.28
N ILE H 125 -20.26 -21.45 -52.56
CA ILE H 125 -21.03 -20.80 -53.60
C ILE H 125 -22.43 -21.42 -53.61
N LEU H 126 -23.42 -20.64 -53.18
CA LEU H 126 -24.79 -21.17 -53.06
C LEU H 126 -25.48 -21.28 -54.42
N SER H 127 -25.25 -20.31 -55.31
CA SER H 127 -25.86 -20.35 -56.62
C SER H 127 -24.93 -19.62 -57.59
N HIS H 128 -25.15 -19.88 -58.88
CA HIS H 128 -24.37 -19.20 -59.91
C HIS H 128 -24.97 -19.49 -61.27
N ASP H 129 -24.75 -18.58 -62.20
CA ASP H 129 -25.14 -18.80 -63.58
C ASP H 129 -24.01 -19.53 -64.31
N LYS H 130 -24.18 -19.71 -65.62
CA LYS H 130 -23.30 -20.60 -66.38
C LYS H 130 -21.84 -20.17 -66.28
N ASP H 131 -21.55 -18.91 -66.59
CA ASP H 131 -20.18 -18.40 -66.60
C ASP H 131 -19.80 -17.70 -65.30
N TYR H 132 -20.59 -17.90 -64.24
CA TYR H 132 -20.35 -17.25 -62.94
C TYR H 132 -20.34 -15.73 -63.06
N ASN H 133 -21.14 -15.18 -63.96
CA ASN H 133 -21.32 -13.72 -64.01
C ASN H 133 -22.14 -13.24 -62.81
N LYS H 134 -23.04 -14.09 -62.31
CA LYS H 134 -23.81 -13.80 -61.11
C LYS H 134 -23.65 -14.97 -60.15
N VAL H 135 -23.19 -14.68 -58.95
CA VAL H 135 -22.88 -15.70 -57.96
C VAL H 135 -23.41 -15.25 -56.60
N LYS H 136 -23.96 -16.17 -55.84
CA LYS H 136 -24.32 -15.94 -54.45
C LYS H 136 -23.32 -16.71 -53.59
N LEU H 137 -22.63 -16.00 -52.70
CA LEU H 137 -21.57 -16.57 -51.88
C LEU H 137 -21.97 -16.52 -50.42
N TYR H 138 -21.49 -17.48 -49.64
CA TYR H 138 -21.88 -17.61 -48.24
C TYR H 138 -20.66 -17.96 -47.40
N GLU H 139 -20.59 -17.40 -46.20
CA GLU H 139 -19.48 -17.71 -45.31
C GLU H 139 -19.97 -17.87 -43.87
N HIS H 140 -19.38 -18.86 -43.19
CA HIS H 140 -19.58 -19.12 -41.77
C HIS H 140 -18.20 -19.18 -41.12
N ALA H 141 -18.02 -18.41 -40.04
CA ALA H 141 -16.72 -18.25 -39.40
C ALA H 141 -16.91 -17.98 -37.92
N VAL H 142 -16.35 -18.84 -37.06
CA VAL H 142 -16.46 -18.74 -35.61
C VAL H 142 -15.10 -18.93 -34.99
N ALA H 143 -14.72 -18.07 -34.04
CA ALA H 143 -13.45 -18.13 -33.36
C ALA H 143 -13.54 -19.00 -32.11
N ARG H 144 -12.42 -19.60 -31.72
CA ARG H 144 -12.35 -20.44 -30.54
C ARG H 144 -10.90 -20.48 -30.06
N ASN H 145 -10.71 -20.93 -28.82
CA ASN H 145 -9.40 -20.92 -28.20
C ASN H 145 -8.60 -22.16 -28.60
N SER H 146 -7.31 -22.12 -28.24
CA SER H 146 -6.39 -23.25 -28.37
C SER H 146 -7.00 -24.59 -27.98
N SER H 171 -23.43 0.06 -28.99
CA SER H 171 -22.23 -0.35 -29.72
C SER H 171 -22.20 0.26 -31.12
N VAL H 172 -21.04 0.12 -31.77
CA VAL H 172 -20.88 0.65 -33.12
C VAL H 172 -21.46 -0.31 -34.15
N ILE H 173 -21.35 -1.61 -33.89
CA ILE H 173 -21.71 -2.66 -34.85
C ILE H 173 -23.05 -3.25 -34.44
N LYS H 174 -23.99 -3.28 -35.36
CA LYS H 174 -25.32 -3.72 -35.00
C LYS H 174 -25.61 -5.12 -35.53
N PRO H 175 -26.58 -5.83 -34.94
CA PRO H 175 -26.75 -7.27 -35.24
C PRO H 175 -26.90 -7.61 -36.71
N ASP H 176 -27.54 -6.75 -37.50
CA ASP H 176 -27.59 -6.92 -38.95
C ASP H 176 -26.91 -5.74 -39.61
N MET H 177 -26.05 -6.02 -40.58
CA MET H 177 -25.36 -4.99 -41.33
C MET H 177 -25.21 -5.44 -42.77
N LYS H 178 -25.20 -4.49 -43.68
CA LYS H 178 -24.93 -4.81 -45.07
C LYS H 178 -23.43 -4.76 -45.35
N ASN H 179 -23.03 -5.36 -46.47
CA ASN H 179 -21.64 -5.49 -46.85
C ASN H 179 -21.54 -5.29 -48.36
N LYS H 180 -21.00 -4.15 -48.78
CA LYS H 180 -20.75 -3.84 -50.19
C LYS H 180 -19.27 -3.99 -50.50
N LEU H 181 -18.97 -4.38 -51.73
CA LEU H 181 -17.59 -4.55 -52.14
C LEU H 181 -17.43 -4.25 -53.63
N ARG H 182 -16.19 -3.95 -54.00
CA ARG H 182 -15.80 -3.79 -55.39
C ARG H 182 -14.41 -4.36 -55.53
N MET H 183 -14.24 -5.32 -56.41
CA MET H 183 -12.95 -5.94 -56.65
C MET H 183 -12.46 -5.53 -58.03
N GLU H 184 -11.24 -5.01 -58.10
CA GLU H 184 -10.52 -4.87 -59.36
C GLU H 184 -9.44 -5.93 -59.35
N GLY H 185 -9.43 -6.78 -60.38
CA GLY H 185 -8.58 -7.94 -60.38
C GLY H 185 -7.88 -8.11 -61.71
N ASN H 186 -6.83 -8.92 -61.68
CA ASN H 186 -6.13 -9.31 -62.90
C ASN H 186 -5.51 -10.67 -62.66
N VAL H 187 -5.91 -11.65 -63.46
CA VAL H 187 -5.51 -13.04 -63.27
C VAL H 187 -4.93 -13.57 -64.58
N ASN H 188 -3.66 -13.96 -64.54
CA ASN H 188 -2.93 -14.42 -65.73
C ASN H 188 -3.10 -13.45 -66.90
N GLY H 189 -3.14 -12.15 -66.59
CA GLY H 189 -3.23 -11.12 -67.60
C GLY H 189 -4.64 -10.72 -67.98
N HIS H 190 -5.66 -11.37 -67.44
CA HIS H 190 -7.05 -11.06 -67.75
C HIS H 190 -7.58 -10.10 -66.69
N ALA H 191 -7.86 -8.86 -67.08
CA ALA H 191 -8.41 -7.89 -66.16
C ALA H 191 -9.90 -8.13 -65.99
N PHE H 192 -10.42 -7.72 -64.83
CA PHE H 192 -11.84 -7.87 -64.55
C PHE H 192 -12.22 -7.02 -63.36
N VAL H 193 -13.50 -6.66 -63.29
CA VAL H 193 -14.07 -5.94 -62.16
C VAL H 193 -15.32 -6.68 -61.71
N ILE H 194 -15.49 -6.84 -60.40
CA ILE H 194 -16.64 -7.52 -59.83
C ILE H 194 -17.16 -6.71 -58.66
N GLU H 195 -18.45 -6.40 -58.70
CA GLU H 195 -19.15 -5.71 -57.63
C GLU H 195 -19.97 -6.70 -56.83
N GLY H 196 -20.29 -6.33 -55.59
CA GLY H 196 -21.06 -7.21 -54.74
C GLY H 196 -21.85 -6.50 -53.66
N GLU H 197 -23.11 -6.90 -53.48
CA GLU H 197 -23.97 -6.39 -52.43
C GLU H 197 -24.40 -7.55 -51.55
N GLY H 198 -24.23 -7.40 -50.25
CA GLY H 198 -24.59 -8.47 -49.35
C GLY H 198 -25.01 -7.99 -47.97
N SER H 199 -25.22 -8.96 -47.08
CA SER H 199 -25.55 -8.65 -45.69
C SER H 199 -25.08 -9.81 -44.84
N GLY H 200 -25.13 -9.61 -43.53
CA GLY H 200 -24.77 -10.67 -42.62
C GLY H 200 -25.02 -10.23 -41.19
N LYS H 201 -24.69 -11.13 -40.26
CA LYS H 201 -24.86 -10.87 -38.84
C LYS H 201 -23.48 -10.99 -38.19
N PRO H 202 -22.80 -9.87 -37.94
CA PRO H 202 -21.38 -9.95 -37.53
C PRO H 202 -21.16 -10.78 -36.28
N PHE H 203 -22.00 -10.62 -35.27
CA PHE H 203 -21.77 -11.34 -34.01
C PHE H 203 -21.98 -12.84 -34.16
N GLU H 204 -22.76 -13.27 -35.15
CA GLU H 204 -22.93 -14.69 -35.41
C GLU H 204 -21.91 -15.24 -36.39
N GLY H 205 -21.26 -14.39 -37.17
CA GLY H 205 -20.26 -14.86 -38.11
C GLY H 205 -20.82 -15.49 -39.36
N ILE H 206 -21.96 -15.00 -39.84
CA ILE H 206 -22.59 -15.49 -41.06
C ILE H 206 -22.85 -14.30 -41.98
N GLN H 207 -22.62 -14.50 -43.27
CA GLN H 207 -22.87 -13.43 -44.24
C GLN H 207 -23.11 -14.05 -45.61
N THR H 208 -23.87 -13.32 -46.43
CA THR H 208 -24.10 -13.69 -47.82
CA THR H 208 -24.07 -13.69 -47.82
C THR H 208 -23.80 -12.47 -48.68
N ILE H 209 -23.52 -12.71 -49.95
CA ILE H 209 -23.26 -11.61 -50.87
C ILE H 209 -23.56 -12.08 -52.29
N ASP H 210 -24.17 -11.19 -53.08
CA ASP H 210 -24.44 -11.46 -54.49
C ASP H 210 -23.44 -10.66 -55.33
N LEU H 211 -22.71 -11.37 -56.18
CA LEU H 211 -21.58 -10.82 -56.90
C LEU H 211 -21.87 -10.80 -58.39
N GLU H 212 -21.46 -9.73 -59.07
CA GLU H 212 -21.71 -9.58 -60.50
C GLU H 212 -20.43 -9.15 -61.20
N VAL H 213 -20.06 -9.87 -62.25
CA VAL H 213 -18.93 -9.46 -63.09
C VAL H 213 -19.34 -8.23 -63.88
N LYS H 214 -18.65 -7.12 -63.65
CA LYS H 214 -18.94 -5.88 -64.36
C LYS H 214 -18.03 -5.63 -65.54
N GLU H 215 -16.80 -6.15 -65.50
CA GLU H 215 -15.86 -6.05 -66.61
C GLU H 215 -15.07 -7.35 -66.69
N GLY H 216 -14.71 -7.74 -67.91
CA GLY H 216 -13.92 -8.93 -68.13
C GLY H 216 -14.69 -10.23 -68.27
N ALA H 217 -16.01 -10.18 -68.44
CA ALA H 217 -16.80 -11.39 -68.60
C ALA H 217 -16.62 -11.95 -70.02
N PRO H 218 -16.63 -13.29 -70.18
CA PRO H 218 -16.67 -14.29 -69.11
C PRO H 218 -15.31 -14.53 -68.50
N LEU H 219 -15.26 -14.77 -67.18
CA LEU H 219 -14.00 -15.03 -66.52
C LEU H 219 -13.43 -16.34 -67.06
N PRO H 220 -12.19 -16.36 -67.57
CA PRO H 220 -11.59 -17.58 -68.08
C PRO H 220 -10.91 -18.46 -67.03
N PHE H 221 -11.15 -18.22 -65.75
CA PHE H 221 -10.46 -18.94 -64.68
C PHE H 221 -11.46 -19.34 -63.61
N ALA H 222 -11.02 -20.23 -62.73
CA ALA H 222 -11.85 -20.74 -61.64
C ALA H 222 -12.27 -19.62 -60.70
N TYR H 223 -13.59 -19.42 -60.58
CA TYR H 223 -14.13 -18.42 -59.67
C TYR H 223 -13.74 -18.66 -58.23
N ASP H 224 -13.39 -19.90 -57.86
CA ASP H 224 -13.12 -20.22 -56.46
C ASP H 224 -11.93 -19.45 -55.90
N ILE H 225 -10.96 -19.09 -56.75
CA ILE H 225 -9.78 -18.38 -56.27
C ILE H 225 -10.11 -16.97 -55.78
N LEU H 226 -11.28 -16.44 -56.14
CA LEU H 226 -11.67 -15.10 -55.74
C LEU H 226 -12.51 -15.06 -54.48
N THR H 227 -13.13 -16.18 -54.09
CA THR H 227 -14.22 -16.11 -53.11
C THR H 227 -13.71 -15.73 -51.73
N THR H 228 -12.56 -16.27 -51.31
CA THR H 228 -12.05 -15.92 -49.99
C THR H 228 -11.59 -14.47 -49.92
N ALA H 229 -11.37 -13.80 -51.05
CA ALA H 229 -11.12 -12.38 -51.01
C ALA H 229 -12.41 -11.58 -50.86
N PHE H 230 -13.53 -12.12 -51.36
CA PHE H 230 -14.83 -11.48 -51.15
C PHE H 230 -15.26 -11.63 -49.69
N ASN H 232 -13.92 -10.24 -44.96
CA ASN H 232 -14.03 -9.25 -43.91
C ASN H 232 -14.31 -9.89 -42.56
N ARG H 233 -13.26 -10.01 -41.73
CA ARG H 233 -13.37 -10.78 -40.49
C ARG H 233 -14.24 -10.13 -39.43
N VAL H 234 -14.92 -9.02 -39.74
CA VAL H 234 -15.91 -8.50 -38.80
C VAL H 234 -17.09 -9.47 -38.70
N PHE H 235 -17.26 -10.33 -39.70
CA PHE H 235 -18.28 -11.37 -39.67
C PHE H 235 -17.65 -12.67 -39.13
N THR H 236 -17.30 -12.63 -37.86
CA THR H 236 -16.76 -13.79 -37.15
C THR H 236 -17.40 -13.86 -35.78
N LYS H 237 -17.91 -15.04 -35.42
CA LYS H 237 -18.54 -15.24 -34.11
C LYS H 237 -17.46 -15.37 -33.06
N TYR H 238 -17.19 -14.26 -32.35
CA TYR H 238 -16.30 -14.23 -31.21
C TYR H 238 -17.10 -14.32 -29.91
N PRO H 239 -16.60 -15.03 -28.88
CA PRO H 239 -17.26 -15.01 -27.57
C PRO H 239 -17.27 -13.62 -26.93
#